data_8W18
#
_entry.id   8W18
#
_cell.length_a   168.628
_cell.length_b   168.628
_cell.length_c   88.342
_cell.angle_alpha   90.000
_cell.angle_beta   90.000
_cell.angle_gamma   90.000
#
_symmetry.space_group_name_H-M   'P 42 21 2'
#
loop_
_entity.id
_entity.type
_entity.pdbx_description
1 polymer 'Plasma protease C1 inhibitor'
2 polymer 'Complement C1s subcomponent light chain'
3 polymer 'Complement C1s subcomponent heavy chain'
#
loop_
_entity_poly.entity_id
_entity_poly.type
_entity_poly.pdbx_seq_one_letter_code
_entity_poly.pdbx_strand_id
1 'polypeptide(L)'
;GSTGSTDSPTQPTTGSFCPGPVTLCSDLESHSTEAVLGDALVDFSLKLYHAFSAMKKVETNMAFSPFSIASLLTQVLLGA
GENTKTNLESILSYPKDFTCVHQALKGFTTKGVTSVSQIFHSPDLAIRDTFVNASRTLYSSSPRVLSNNSDANLELINTW
VAKNTNNKISRLLDSLPSDTRLVLLNAIYLSAKWKTTFDPKKTRMEPFHFKNSVIKVPMMNSKKYPVAHFIDQTLKAKVG
QLQLSHNLSLVILVPQNLKHRLEDMEQALSPSVFKAIMEKLEMSKFQPTLLTLPRIKVTTSQDMLSIMEKLEFFDFSYDL
NLCGLTEDPDLQVSAMQHQTVLELTETGVEAAAASAISVARTLLVFEVQQPFLFVLWDQQHKFPVFMGRVYDPRA
;
I
2 'polypeptide(L)'
;IIGGSDADIKNFPWQVFFDNPWAGGALINEYWVLTAAHVVEGNREPTMYVGSTSVQTSRLAKSKMLTPEHVFIHPGWKLL
EVPEGRTNFDNDIALVRLKDPVKMGPTVSPICLPGTSSDYNLMDGDLGLISGWGRTEKRDRAVRLKAARLPVAPLRKCKE
VKVEKPTADAEAYVFTPNMICAGGEKGMDSCKGDAGGAFAVQDPNDKTKFYAAGLVSWGPQCGTYGLYTRVKNYVDWIMK
TMQENSTPRED
;
B
3 'polypeptide(L)'
;GSTGSMPCPKEDTPNSVWEPAKAKYVFRDVVQITCLDGFEVVEGRVGATSFYSTCQSNGKWSNSKLKCQPVDCGIPESIE
NGKVEDPESTLFGSVIRYTCEEPYYYMENGGGGEYHCAGNGSWVNEVLGPELPKCVPVCGVPREPFEEKQR
;
A
#
# COMPACT_ATOMS: atom_id res chain seq x y z
N PHE A 17 -15.57 21.18 -46.72
CA PHE A 17 -15.82 19.75 -46.50
C PHE A 17 -16.30 19.46 -45.09
N CYS A 18 -17.23 18.53 -44.97
CA CYS A 18 -17.75 18.07 -43.68
C CYS A 18 -18.09 16.59 -43.75
N PRO A 19 -17.50 15.76 -42.90
CA PRO A 19 -17.94 14.36 -42.83
C PRO A 19 -19.41 14.29 -42.45
N GLY A 20 -20.16 13.49 -43.20
CA GLY A 20 -21.59 13.39 -43.03
C GLY A 20 -22.00 12.85 -41.67
N PRO A 21 -23.29 12.86 -41.38
CA PRO A 21 -23.76 12.32 -40.09
C PRO A 21 -23.36 10.86 -39.93
N VAL A 22 -23.06 10.48 -38.69
CA VAL A 22 -22.49 9.16 -38.42
C VAL A 22 -23.55 8.08 -38.67
N THR A 23 -23.07 6.85 -38.88
CA THR A 23 -23.93 5.72 -39.18
C THR A 23 -24.29 4.96 -37.91
N LEU A 24 -25.51 4.44 -37.86
CA LEU A 24 -25.95 3.66 -36.71
C LEU A 24 -25.27 2.30 -36.70
N CYS A 25 -24.90 1.84 -35.50
CA CYS A 25 -24.25 0.55 -35.33
C CYS A 25 -25.28 -0.50 -34.87
N SER A 26 -24.92 -1.76 -35.10
CA SER A 26 -25.77 -2.87 -34.66
C SER A 26 -25.62 -3.09 -33.16
N ASP A 27 -26.53 -3.89 -32.60
CA ASP A 27 -26.54 -4.11 -31.16
C ASP A 27 -25.34 -4.92 -30.69
N LEU A 28 -24.81 -5.81 -31.53
CA LEU A 28 -23.63 -6.57 -31.15
C LEU A 28 -22.35 -5.76 -31.33
N GLU A 29 -22.29 -4.93 -32.38
CA GLU A 29 -21.13 -4.06 -32.58
C GLU A 29 -21.03 -3.03 -31.45
N SER A 30 -22.16 -2.46 -31.04
CA SER A 30 -22.15 -1.50 -29.94
C SER A 30 -21.91 -2.20 -28.60
N HIS A 31 -22.43 -3.41 -28.43
CA HIS A 31 -22.11 -4.19 -27.25
C HIS A 31 -20.67 -4.67 -27.27
N SER A 32 -20.04 -4.71 -28.44
CA SER A 32 -18.62 -5.07 -28.54
C SER A 32 -17.71 -3.92 -28.12
N THR A 33 -18.14 -2.68 -28.31
CA THR A 33 -17.38 -1.52 -27.91
C THR A 33 -17.61 -1.13 -26.46
N GLU A 34 -18.40 -1.91 -25.71
CA GLU A 34 -18.59 -1.64 -24.30
C GLU A 34 -17.28 -1.73 -23.53
N ALA A 35 -16.44 -2.71 -23.88
CA ALA A 35 -15.11 -2.80 -23.29
C ALA A 35 -14.22 -1.66 -23.76
N VAL A 36 -14.46 -1.14 -24.96
CA VAL A 36 -13.69 -0.02 -25.45
C VAL A 36 -14.11 1.27 -24.77
N LEU A 37 -15.41 1.43 -24.51
CA LEU A 37 -15.90 2.66 -23.89
C LEU A 37 -15.52 2.72 -22.41
N GLY A 38 -15.59 1.59 -21.71
CA GLY A 38 -15.27 1.57 -20.30
C GLY A 38 -13.82 1.91 -19.99
N ASP A 39 -12.93 1.77 -20.98
CA ASP A 39 -11.52 2.06 -20.76
C ASP A 39 -11.20 3.53 -20.99
N ALA A 40 -11.80 4.15 -22.00
CA ALA A 40 -11.59 5.58 -22.20
C ALA A 40 -12.29 6.41 -21.13
N LEU A 41 -13.36 5.88 -20.53
CA LEU A 41 -14.02 6.55 -19.42
C LEU A 41 -13.17 6.57 -18.16
N VAL A 42 -12.10 5.79 -18.11
CA VAL A 42 -11.17 5.81 -16.98
C VAL A 42 -10.02 6.78 -17.24
N ASP A 43 -9.46 6.76 -18.45
CA ASP A 43 -8.40 7.71 -18.81
C ASP A 43 -8.92 9.14 -18.75
N PHE A 44 -10.17 9.35 -19.16
CA PHE A 44 -10.74 10.69 -19.18
C PHE A 44 -11.04 11.19 -17.78
N SER A 45 -11.41 10.30 -16.87
CA SER A 45 -11.68 10.72 -15.49
C SER A 45 -10.44 11.29 -14.83
N LEU A 46 -9.28 10.67 -15.07
CA LEU A 46 -8.04 11.15 -14.46
C LEU A 46 -7.65 12.52 -14.99
N LYS A 47 -7.90 12.77 -16.27
CA LYS A 47 -7.63 14.09 -16.83
C LYS A 47 -8.56 15.15 -16.23
N LEU A 48 -9.80 14.78 -15.92
CA LEU A 48 -10.70 15.73 -15.28
C LEU A 48 -10.31 16.00 -13.84
N TYR A 49 -9.74 15.01 -13.14
CA TYR A 49 -9.37 15.22 -11.75
C TYR A 49 -8.20 16.18 -11.63
N HIS A 50 -7.14 15.97 -12.42
CA HIS A 50 -6.00 16.86 -12.38
C HIS A 50 -6.38 18.27 -12.82
N ALA A 51 -7.40 18.39 -13.67
CA ALA A 51 -7.87 19.72 -14.07
C ALA A 51 -8.66 20.39 -12.94
N PHE A 52 -9.54 19.62 -12.29
CA PHE A 52 -10.36 20.19 -11.23
C PHE A 52 -9.52 20.62 -10.03
N SER A 53 -8.47 19.85 -9.72
CA SER A 53 -7.62 20.21 -8.59
C SER A 53 -6.76 21.43 -8.90
N ALA A 54 -6.42 21.65 -10.16
CA ALA A 54 -5.66 22.83 -10.56
C ALA A 54 -6.52 24.08 -10.63
N MET A 55 -7.84 23.96 -10.48
CA MET A 55 -8.74 25.10 -10.56
C MET A 55 -9.31 25.52 -9.23
N LYS A 56 -9.63 24.57 -8.35
CA LYS A 56 -10.07 24.88 -7.00
C LYS A 56 -8.85 25.09 -6.09
N LYS A 57 -9.12 25.45 -4.84
CA LYS A 57 -8.04 25.76 -3.91
C LYS A 57 -7.28 24.48 -3.53
N VAL A 58 -6.32 24.63 -2.61
CA VAL A 58 -5.44 23.52 -2.26
C VAL A 58 -6.17 22.47 -1.44
N GLU A 59 -7.12 22.90 -0.58
CA GLU A 59 -7.81 21.99 0.34
C GLU A 59 -9.31 22.29 0.30
N THR A 60 -9.95 21.93 -0.81
CA THR A 60 -11.38 22.13 -0.98
C THR A 60 -12.03 20.85 -1.50
N ASN A 61 -13.28 20.64 -1.08
CA ASN A 61 -14.05 19.52 -1.57
C ASN A 61 -14.49 19.77 -3.01
N MET A 62 -14.61 18.68 -3.76
CA MET A 62 -15.07 18.76 -5.14
C MET A 62 -15.69 17.43 -5.55
N ALA A 63 -16.70 17.49 -6.40
CA ALA A 63 -17.39 16.30 -6.89
C ALA A 63 -17.82 16.57 -8.32
N PHE A 64 -17.31 15.76 -9.25
CA PHE A 64 -17.70 15.85 -10.66
C PHE A 64 -18.01 14.47 -11.19
N SER A 65 -18.91 14.42 -12.18
CA SER A 65 -19.32 13.17 -12.79
C SER A 65 -18.59 13.00 -14.11
N PRO A 66 -17.51 12.22 -14.18
CA PRO A 66 -16.82 12.05 -15.46
C PRO A 66 -17.66 11.38 -16.54
N PHE A 67 -18.77 10.73 -16.17
CA PHE A 67 -19.60 10.07 -17.18
C PHE A 67 -20.52 11.07 -17.88
N SER A 68 -21.35 11.79 -17.12
CA SER A 68 -22.26 12.76 -17.73
C SER A 68 -21.49 13.83 -18.50
N ILE A 69 -20.27 14.14 -18.08
CA ILE A 69 -19.44 15.10 -18.79
C ILE A 69 -19.11 14.57 -20.19
N ALA A 70 -18.61 13.34 -20.26
CA ALA A 70 -18.29 12.74 -21.56
C ALA A 70 -19.54 12.44 -22.38
N SER A 71 -20.70 12.28 -21.73
CA SER A 71 -21.93 12.04 -22.49
C SER A 71 -22.34 13.27 -23.28
N LEU A 72 -22.02 14.47 -22.78
CA LEU A 72 -22.30 15.69 -23.51
C LEU A 72 -21.19 16.05 -24.49
N LEU A 73 -19.95 15.68 -24.18
CA LEU A 73 -18.85 15.95 -25.11
C LEU A 73 -18.98 15.09 -26.36
N THR A 74 -19.38 13.84 -26.21
CA THR A 74 -19.59 12.99 -27.39
C THR A 74 -20.85 13.42 -28.15
N GLN A 75 -21.83 13.98 -27.45
CA GLN A 75 -22.95 14.61 -28.13
C GLN A 75 -22.46 15.77 -29.01
N VAL A 76 -21.42 16.47 -28.55
CA VAL A 76 -20.79 17.49 -29.38
C VAL A 76 -19.95 16.85 -30.48
N LEU A 77 -19.20 15.82 -30.14
CA LEU A 77 -18.36 15.12 -31.12
C LEU A 77 -19.17 14.55 -32.27
N LEU A 78 -20.49 14.39 -32.08
CA LEU A 78 -21.34 13.91 -33.16
C LEU A 78 -21.37 14.90 -34.33
N GLY A 79 -21.34 16.19 -34.04
CA GLY A 79 -21.43 17.20 -35.09
C GLY A 79 -20.16 17.97 -35.32
N ALA A 80 -19.02 17.41 -34.91
CA ALA A 80 -17.74 18.08 -35.07
C ALA A 80 -17.08 17.68 -36.38
N GLY A 81 -15.96 18.33 -36.68
CA GLY A 81 -15.24 18.04 -37.90
C GLY A 81 -13.86 18.65 -37.89
N GLU A 82 -12.98 18.06 -38.68
CA GLU A 82 -11.61 18.55 -38.90
C GLU A 82 -10.86 18.47 -37.57
N ASN A 83 -10.25 19.55 -37.07
CA ASN A 83 -9.46 19.47 -35.84
C ASN A 83 -10.34 19.29 -34.61
N THR A 84 -11.58 19.81 -34.62
CA THR A 84 -12.44 19.68 -33.45
C THR A 84 -12.86 18.24 -33.23
N LYS A 85 -13.02 17.46 -34.29
CA LYS A 85 -13.40 16.06 -34.15
C LYS A 85 -12.25 15.22 -33.59
N THR A 86 -11.00 15.56 -33.93
CA THR A 86 -9.87 14.77 -33.46
C THR A 86 -9.44 15.17 -32.05
N ASN A 87 -9.44 16.48 -31.74
CA ASN A 87 -9.10 16.91 -30.39
C ASN A 87 -10.09 16.39 -29.36
N LEU A 88 -11.37 16.31 -29.73
CA LEU A 88 -12.36 15.74 -28.84
C LEU A 88 -12.15 14.25 -28.66
N GLU A 89 -11.60 13.58 -29.67
CA GLU A 89 -11.29 12.15 -29.53
C GLU A 89 -10.04 11.93 -28.70
N SER A 90 -9.06 12.83 -28.79
CA SER A 90 -7.85 12.70 -27.98
C SER A 90 -8.09 13.18 -26.54
N ILE A 91 -8.99 14.14 -26.36
CA ILE A 91 -9.35 14.57 -25.01
C ILE A 91 -10.11 13.46 -24.30
N LEU A 92 -11.08 12.86 -24.98
CA LEU A 92 -11.90 11.79 -24.43
C LEU A 92 -11.26 10.41 -24.58
N SER A 93 -10.01 10.34 -25.03
CA SER A 93 -9.28 9.08 -25.19
C SER A 93 -10.02 8.09 -26.10
N TYR A 94 -10.74 8.63 -27.13
CA TYR A 94 -11.47 7.80 -28.07
C TYR A 94 -10.57 7.36 -29.23
N PRO A 95 -10.82 6.17 -29.77
CA PRO A 95 -10.14 5.77 -31.00
C PRO A 95 -10.78 6.44 -32.21
N LYS A 96 -10.03 6.43 -33.31
CA LYS A 96 -10.53 7.01 -34.55
C LYS A 96 -11.65 6.17 -35.13
N ASP A 97 -12.57 6.83 -35.84
CA ASP A 97 -13.73 6.19 -36.44
C ASP A 97 -14.58 5.44 -35.40
N PHE A 98 -14.52 5.88 -34.14
CA PHE A 98 -15.32 5.26 -33.10
C PHE A 98 -16.78 5.65 -33.28
N THR A 99 -17.43 5.07 -34.30
CA THR A 99 -18.78 5.46 -34.69
C THR A 99 -19.87 4.91 -33.77
N CYS A 100 -19.55 3.91 -32.95
CA CYS A 100 -20.53 3.28 -32.08
C CYS A 100 -20.47 3.78 -30.65
N VAL A 101 -19.79 4.90 -30.41
CA VAL A 101 -19.69 5.42 -29.04
C VAL A 101 -20.99 6.10 -28.62
N HIS A 102 -21.73 6.70 -29.57
CA HIS A 102 -22.97 7.37 -29.22
C HIS A 102 -23.99 6.40 -28.67
N GLN A 103 -24.19 5.26 -29.34
CA GLN A 103 -25.12 4.26 -28.86
C GLN A 103 -24.59 3.56 -27.61
N ALA A 104 -23.27 3.33 -27.55
CA ALA A 104 -22.68 2.70 -26.38
C ALA A 104 -22.78 3.59 -25.15
N LEU A 105 -22.77 4.91 -25.34
CA LEU A 105 -22.90 5.82 -24.20
C LEU A 105 -24.33 5.86 -23.69
N LYS A 106 -25.31 5.83 -24.59
CA LYS A 106 -26.70 5.80 -24.16
C LYS A 106 -26.99 4.53 -23.35
N GLY A 107 -26.37 3.41 -23.72
CA GLY A 107 -26.60 2.17 -23.02
C GLY A 107 -25.97 2.11 -21.65
N PHE A 108 -24.95 2.93 -21.40
CA PHE A 108 -24.27 2.95 -20.11
C PHE A 108 -25.08 3.69 -19.05
N THR A 109 -26.27 4.18 -19.38
CA THR A 109 -27.05 4.97 -18.44
C THR A 109 -27.50 4.13 -17.25
N THR A 110 -27.30 4.65 -16.04
CA THR A 110 -27.68 3.97 -14.81
C THR A 110 -28.83 4.72 -14.15
N LYS A 111 -29.77 3.97 -13.58
CA LYS A 111 -30.94 4.53 -12.94
C LYS A 111 -30.67 5.03 -11.53
N GLY A 112 -29.44 4.88 -11.03
CA GLY A 112 -29.07 5.38 -9.73
C GLY A 112 -28.80 6.87 -9.66
N VAL A 113 -28.84 7.56 -10.79
CA VAL A 113 -28.60 9.00 -10.82
C VAL A 113 -29.72 9.59 -11.68
N THR A 114 -29.77 10.91 -11.76
CA THR A 114 -30.70 11.61 -12.64
C THR A 114 -29.95 12.80 -13.23
N SER A 115 -29.55 12.68 -14.49
CA SER A 115 -28.71 13.68 -15.14
C SER A 115 -29.42 14.25 -16.37
N VAL A 116 -29.03 15.47 -16.74
CA VAL A 116 -29.60 16.18 -17.88
C VAL A 116 -28.48 16.77 -18.72
N SER A 117 -28.72 16.82 -20.04
CA SER A 117 -27.76 17.38 -20.98
C SER A 117 -28.54 18.13 -22.06
N GLN A 118 -28.47 19.45 -22.03
CA GLN A 118 -29.15 20.31 -23.00
C GLN A 118 -28.15 21.28 -23.61
N ILE A 119 -28.51 21.75 -24.81
CA ILE A 119 -27.68 22.68 -25.57
C ILE A 119 -28.58 23.86 -25.96
N PHE A 120 -28.31 25.03 -25.40
CA PHE A 120 -29.12 26.22 -25.64
C PHE A 120 -28.40 27.13 -26.62
N HIS A 121 -29.15 27.65 -27.59
CA HIS A 121 -28.59 28.50 -28.64
C HIS A 121 -29.45 29.75 -28.81
N SER A 122 -28.82 30.82 -29.30
CA SER A 122 -29.52 32.06 -29.59
C SER A 122 -30.37 31.89 -30.84
N PRO A 123 -31.35 32.78 -31.05
CA PRO A 123 -32.18 32.67 -32.27
C PRO A 123 -31.43 32.81 -33.58
N ASP A 124 -30.23 33.42 -33.57
CA ASP A 124 -29.48 33.65 -34.81
C ASP A 124 -28.47 32.54 -35.09
N LEU A 125 -28.63 31.37 -34.48
CA LEU A 125 -27.76 30.22 -34.70
C LEU A 125 -28.62 29.11 -35.29
N ALA A 126 -28.53 28.93 -36.61
CA ALA A 126 -29.34 27.93 -37.29
C ALA A 126 -28.78 26.53 -37.05
N ILE A 127 -29.65 25.62 -36.61
CA ILE A 127 -29.28 24.23 -36.34
C ILE A 127 -29.63 23.40 -37.58
N ARG A 128 -28.67 22.60 -38.05
CA ARG A 128 -28.95 21.70 -39.17
C ARG A 128 -29.99 20.66 -38.76
N ASP A 129 -30.85 20.29 -39.70
CA ASP A 129 -31.84 19.24 -39.45
C ASP A 129 -31.19 17.87 -39.29
N THR A 130 -29.99 17.68 -39.85
CA THR A 130 -29.26 16.43 -39.68
C THR A 130 -28.80 16.20 -38.26
N PHE A 131 -28.87 17.22 -37.40
CA PHE A 131 -28.51 17.11 -36.00
C PHE A 131 -29.71 17.19 -35.06
N VAL A 132 -30.79 17.84 -35.50
CA VAL A 132 -31.98 17.97 -34.66
C VAL A 132 -32.54 16.59 -34.31
N ASN A 133 -32.54 15.68 -35.28
CA ASN A 133 -32.99 14.32 -35.04
C ASN A 133 -31.88 13.40 -34.51
N ALA A 134 -30.64 13.62 -34.94
CA ALA A 134 -29.51 12.83 -34.45
C ALA A 134 -29.24 13.06 -32.98
N SER A 135 -29.61 14.22 -32.44
CA SER A 135 -29.49 14.49 -31.01
C SER A 135 -30.71 14.01 -30.24
N ARG A 136 -31.89 13.98 -30.88
CA ARG A 136 -33.10 13.53 -30.21
C ARG A 136 -33.19 12.01 -30.15
N THR A 137 -32.39 11.30 -30.92
CA THR A 137 -32.41 9.84 -30.94
C THR A 137 -31.26 9.25 -30.13
N LEU A 138 -30.02 9.67 -30.39
CA LEU A 138 -28.87 9.12 -29.70
C LEU A 138 -28.68 9.70 -28.30
N TYR A 139 -29.43 10.74 -27.94
CA TYR A 139 -29.35 11.29 -26.58
C TYR A 139 -30.69 11.80 -26.07
N SER A 140 -31.78 11.63 -26.82
CA SER A 140 -33.14 11.94 -26.39
C SER A 140 -33.37 13.42 -26.10
N SER A 141 -32.58 14.31 -26.70
CA SER A 141 -32.75 15.74 -26.47
C SER A 141 -32.23 16.50 -27.68
N SER A 142 -33.09 17.32 -28.29
CA SER A 142 -32.71 18.20 -29.37
C SER A 142 -32.31 19.56 -28.84
N PRO A 143 -31.49 20.30 -29.58
CA PRO A 143 -31.10 21.64 -29.12
C PRO A 143 -32.31 22.54 -28.90
N ARG A 144 -32.34 23.21 -27.75
CA ARG A 144 -33.41 24.12 -27.39
C ARG A 144 -33.02 25.55 -27.69
N VAL A 145 -33.99 26.35 -28.09
CA VAL A 145 -33.75 27.74 -28.48
C VAL A 145 -33.88 28.63 -27.26
N LEU A 146 -33.17 29.77 -27.30
CA LEU A 146 -33.24 30.78 -26.26
C LEU A 146 -34.15 31.93 -26.70
N SER A 147 -34.43 32.82 -25.76
CA SER A 147 -35.29 33.97 -26.04
C SER A 147 -34.52 35.05 -26.79
N ASN A 148 -34.94 36.31 -26.63
CA ASN A 148 -34.34 37.43 -27.33
C ASN A 148 -33.49 38.29 -26.42
N ASN A 149 -34.00 38.70 -25.27
CA ASN A 149 -33.25 39.45 -24.29
C ASN A 149 -32.53 38.50 -23.34
N SER A 150 -31.34 38.92 -22.89
CA SER A 150 -30.52 38.06 -22.04
C SER A 150 -31.09 37.91 -20.64
N ASP A 151 -32.02 38.78 -20.23
CA ASP A 151 -32.58 38.69 -18.90
C ASP A 151 -33.45 37.45 -18.74
N ALA A 152 -34.27 37.15 -19.75
CA ALA A 152 -35.13 35.96 -19.68
C ALA A 152 -34.32 34.68 -19.84
N ASN A 153 -33.20 34.74 -20.57
CA ASN A 153 -32.40 33.54 -20.81
C ASN A 153 -31.77 33.00 -19.53
N LEU A 154 -31.42 33.88 -18.59
CA LEU A 154 -30.85 33.42 -17.33
C LEU A 154 -31.86 32.60 -16.54
N GLU A 155 -33.06 33.14 -16.32
CA GLU A 155 -34.07 32.43 -15.56
C GLU A 155 -34.72 31.30 -16.36
N LEU A 156 -34.69 31.38 -17.70
CA LEU A 156 -35.15 30.26 -18.51
C LEU A 156 -34.28 29.03 -18.34
N ILE A 157 -32.97 29.24 -18.13
CA ILE A 157 -32.07 28.10 -17.97
C ILE A 157 -32.17 27.51 -16.57
N ASN A 158 -32.21 28.36 -15.54
CA ASN A 158 -32.25 27.84 -14.18
C ASN A 158 -33.56 27.13 -13.87
N THR A 159 -34.68 27.64 -14.41
CA THR A 159 -35.96 26.98 -14.17
C THR A 159 -36.05 25.65 -14.91
N TRP A 160 -35.55 25.62 -16.15
CA TRP A 160 -35.52 24.35 -16.89
C TRP A 160 -34.66 23.32 -16.18
N VAL A 161 -33.61 23.77 -15.47
CA VAL A 161 -32.80 22.87 -14.67
C VAL A 161 -33.51 22.52 -13.36
N ALA A 162 -34.17 23.50 -12.74
CA ALA A 162 -34.91 23.22 -11.52
C ALA A 162 -36.15 22.37 -11.75
N LYS A 163 -36.55 22.16 -13.01
CA LYS A 163 -37.70 21.34 -13.34
C LYS A 163 -37.30 19.90 -13.68
N ASN A 164 -36.26 19.73 -14.49
CA ASN A 164 -35.82 18.42 -14.93
C ASN A 164 -34.77 17.80 -14.01
N THR A 165 -34.57 18.36 -12.81
CA THR A 165 -33.68 17.77 -11.82
C THR A 165 -34.40 17.51 -10.50
N ASN A 166 -35.74 17.43 -10.53
CA ASN A 166 -36.54 17.20 -9.34
C ASN A 166 -36.24 18.27 -8.27
N ASN A 167 -36.00 19.50 -8.74
CA ASN A 167 -35.70 20.64 -7.87
C ASN A 167 -34.44 20.42 -7.03
N LYS A 168 -33.49 19.68 -7.57
CA LYS A 168 -32.21 19.47 -6.89
C LYS A 168 -31.20 20.56 -7.24
N ILE A 169 -30.96 20.77 -8.54
CA ILE A 169 -30.04 21.80 -9.02
C ILE A 169 -30.89 23.01 -9.38
N SER A 170 -30.86 24.02 -8.52
CA SER A 170 -31.70 25.20 -8.70
C SER A 170 -30.97 26.31 -9.46
N ARG A 171 -29.74 26.61 -9.08
CA ARG A 171 -28.96 27.69 -9.68
C ARG A 171 -27.74 27.10 -10.39
N LEU A 172 -27.99 26.48 -11.56
CA LEU A 172 -26.89 25.97 -12.36
C LEU A 172 -25.99 27.08 -12.87
N LEU A 173 -26.59 28.19 -13.31
CA LEU A 173 -25.86 29.36 -13.76
C LEU A 173 -26.09 30.53 -12.82
N ASP A 174 -25.06 31.36 -12.66
CA ASP A 174 -25.16 32.60 -11.93
C ASP A 174 -25.31 33.82 -12.84
N SER A 175 -24.96 33.68 -14.12
CA SER A 175 -25.00 34.78 -15.07
C SER A 175 -24.88 34.23 -16.48
N LEU A 176 -25.43 34.98 -17.44
CA LEU A 176 -25.31 34.65 -18.85
C LEU A 176 -24.77 35.86 -19.62
N PRO A 177 -23.90 35.63 -20.59
CA PRO A 177 -23.40 36.75 -21.40
C PRO A 177 -24.52 37.41 -22.19
N SER A 178 -24.32 38.70 -22.48
CA SER A 178 -25.30 39.43 -23.28
C SER A 178 -25.32 38.91 -24.71
N ASP A 179 -24.15 38.60 -25.27
CA ASP A 179 -24.05 38.03 -26.62
C ASP A 179 -24.05 36.50 -26.59
N THR A 180 -24.95 35.90 -25.82
CA THR A 180 -25.00 34.45 -25.69
C THR A 180 -25.42 33.83 -27.02
N ARG A 181 -24.57 32.92 -27.54
CA ARG A 181 -24.87 32.17 -28.75
C ARG A 181 -24.88 30.67 -28.58
N LEU A 182 -24.08 30.13 -27.65
CA LEU A 182 -23.91 28.69 -27.53
C LEU A 182 -23.70 28.34 -26.06
N VAL A 183 -24.60 27.54 -25.49
CA VAL A 183 -24.59 27.20 -24.08
C VAL A 183 -24.61 25.68 -23.94
N LEU A 184 -23.67 25.16 -23.14
CA LEU A 184 -23.59 23.73 -22.82
C LEU A 184 -23.85 23.55 -21.34
N LEU A 185 -24.83 22.71 -21.00
CA LEU A 185 -25.25 22.52 -19.62
C LEU A 185 -25.30 21.03 -19.27
N ASN A 186 -25.01 20.72 -18.01
CA ASN A 186 -25.13 19.35 -17.51
C ASN A 186 -25.16 19.39 -15.99
N ALA A 187 -26.28 18.97 -15.41
CA ALA A 187 -26.43 18.86 -13.97
C ALA A 187 -26.86 17.44 -13.62
N ILE A 188 -26.24 16.87 -12.59
CA ILE A 188 -26.51 15.49 -12.20
C ILE A 188 -26.50 15.41 -10.68
N TYR A 189 -27.50 14.72 -10.13
CA TYR A 189 -27.53 14.40 -8.71
C TYR A 189 -27.65 12.89 -8.54
N LEU A 190 -27.23 12.41 -7.37
CA LEU A 190 -27.24 10.99 -7.07
C LEU A 190 -28.55 10.63 -6.37
N SER A 191 -29.39 9.85 -7.05
CA SER A 191 -30.60 9.31 -6.44
C SER A 191 -30.39 7.92 -5.86
N ALA A 192 -29.26 7.28 -6.13
CA ALA A 192 -28.94 6.00 -5.55
C ALA A 192 -28.47 6.18 -4.12
N LYS A 193 -28.64 5.13 -3.31
CA LYS A 193 -28.24 5.13 -1.92
C LYS A 193 -27.56 3.80 -1.60
N TRP A 194 -27.20 3.64 -0.32
CA TRP A 194 -26.55 2.40 0.11
C TRP A 194 -27.49 1.22 -0.03
N LYS A 195 -26.93 0.05 -0.38
CA LYS A 195 -27.72 -1.17 -0.36
C LYS A 195 -27.98 -1.62 1.07
N THR A 196 -27.18 -1.18 2.03
CA THR A 196 -27.34 -1.51 3.43
C THR A 196 -27.55 -0.23 4.23
N THR A 197 -28.66 -0.14 4.95
CA THR A 197 -29.00 1.07 5.69
C THR A 197 -28.07 1.25 6.89
N PHE A 198 -27.73 2.51 7.18
CA PHE A 198 -26.98 2.85 8.37
C PHE A 198 -27.92 3.19 9.53
N ASP A 199 -27.52 2.79 10.73
CA ASP A 199 -28.30 3.09 11.92
C ASP A 199 -28.06 4.54 12.33
N PRO A 200 -29.09 5.39 12.33
CA PRO A 200 -28.88 6.79 12.74
C PRO A 200 -28.56 6.96 14.21
N LYS A 201 -28.98 6.03 15.08
CA LYS A 201 -28.65 6.13 16.49
C LYS A 201 -27.17 5.95 16.77
N LYS A 202 -26.43 5.33 15.86
CA LYS A 202 -25.00 5.13 16.02
C LYS A 202 -24.18 6.27 15.40
N THR A 203 -24.83 7.34 14.96
CA THR A 203 -24.12 8.48 14.40
C THR A 203 -23.45 9.29 15.51
N ARG A 204 -22.19 8.97 15.80
CA ARG A 204 -21.45 9.60 16.88
C ARG A 204 -20.45 10.61 16.31
N MET A 205 -20.23 11.68 17.06
CA MET A 205 -19.24 12.69 16.66
C MET A 205 -17.85 12.10 16.84
N GLU A 206 -17.26 11.67 15.75
CA GLU A 206 -15.92 11.12 15.79
C GLU A 206 -14.92 12.15 15.31
N PRO A 207 -13.66 12.07 15.78
CA PRO A 207 -12.64 12.99 15.28
C PRO A 207 -12.38 12.81 13.80
N PHE A 208 -11.82 13.84 13.18
CA PHE A 208 -11.45 13.82 11.77
C PHE A 208 -10.23 14.70 11.59
N HIS A 209 -9.17 14.13 11.01
CA HIS A 209 -7.94 14.87 10.83
C HIS A 209 -8.10 15.89 9.71
N PHE A 210 -7.97 17.17 10.05
CA PHE A 210 -8.03 18.25 9.07
C PHE A 210 -6.83 19.16 9.25
N LYS A 211 -6.20 19.53 8.13
CA LYS A 211 -4.92 20.24 8.16
C LYS A 211 -3.94 19.50 9.06
N ASN A 212 -3.66 20.06 10.23
CA ASN A 212 -2.84 19.42 11.24
C ASN A 212 -3.58 19.18 12.54
N SER A 213 -4.76 19.78 12.72
CA SER A 213 -5.51 19.65 13.95
C SER A 213 -6.48 18.47 13.86
N VAL A 214 -7.34 18.32 14.86
CA VAL A 214 -8.29 17.22 14.95
C VAL A 214 -9.67 17.82 15.11
N ILE A 215 -10.44 17.85 14.02
CA ILE A 215 -11.80 18.39 14.06
C ILE A 215 -12.78 17.25 14.24
N LYS A 216 -13.94 17.56 14.81
CA LYS A 216 -14.98 16.57 15.06
C LYS A 216 -16.09 16.77 14.03
N VAL A 217 -16.39 15.72 13.28
CA VAL A 217 -17.44 15.77 12.27
C VAL A 217 -18.44 14.66 12.56
N PRO A 218 -19.70 14.79 12.14
CA PRO A 218 -20.67 13.70 12.33
C PRO A 218 -20.29 12.49 11.48
N MET A 219 -20.12 11.34 12.13
CA MET A 219 -19.68 10.13 11.46
C MET A 219 -20.68 9.01 11.67
N MET A 220 -20.92 8.26 10.60
CA MET A 220 -21.73 7.05 10.67
C MET A 220 -20.89 5.90 11.23
N ASN A 221 -21.58 4.86 11.71
CA ASN A 221 -20.90 3.77 12.40
C ASN A 221 -21.68 2.48 12.19
N SER A 222 -20.96 1.39 12.00
CA SER A 222 -21.56 0.07 11.76
C SER A 222 -20.53 -1.00 12.09
N LYS A 223 -20.90 -1.94 12.96
CA LYS A 223 -19.94 -2.92 13.44
C LYS A 223 -19.65 -4.01 12.42
N LYS A 224 -20.60 -4.33 11.53
CA LYS A 224 -20.43 -5.41 10.56
C LYS A 224 -21.01 -5.01 9.20
N TYR A 225 -20.49 -3.92 8.64
CA TYR A 225 -20.91 -3.46 7.32
C TYR A 225 -20.12 -4.18 6.24
N PRO A 226 -20.77 -4.62 5.15
CA PRO A 226 -20.06 -5.35 4.09
C PRO A 226 -19.13 -4.46 3.29
N VAL A 227 -17.83 -4.60 3.52
CA VAL A 227 -16.81 -3.77 2.85
C VAL A 227 -15.73 -4.70 2.31
N ALA A 228 -15.52 -4.66 0.99
CA ALA A 228 -14.45 -5.40 0.34
C ALA A 228 -13.26 -4.46 0.18
N HIS A 229 -12.17 -4.76 0.87
CA HIS A 229 -11.03 -3.87 0.93
C HIS A 229 -9.73 -4.67 0.90
N PHE A 230 -8.63 -3.94 0.78
CA PHE A 230 -7.27 -4.48 0.79
C PHE A 230 -6.30 -3.31 0.89
N ILE A 231 -5.01 -3.58 0.68
CA ILE A 231 -3.98 -2.56 0.64
C ILE A 231 -3.30 -2.62 -0.73
N ASP A 232 -3.09 -1.45 -1.33
CA ASP A 232 -2.32 -1.34 -2.56
C ASP A 232 -1.03 -0.60 -2.27
N GLN A 233 0.09 -1.17 -2.72
CA GLN A 233 1.40 -0.58 -2.47
C GLN A 233 1.66 0.63 -3.35
N THR A 234 1.17 0.60 -4.60
CA THR A 234 1.43 1.69 -5.52
C THR A 234 0.87 3.01 -5.01
N LEU A 235 -0.20 2.96 -4.22
CA LEU A 235 -0.80 4.15 -3.66
C LEU A 235 -0.48 4.36 -2.19
N LYS A 236 0.01 3.32 -1.50
CA LYS A 236 0.21 3.35 -0.06
C LYS A 236 -1.07 3.81 0.64
N ALA A 237 -2.19 3.17 0.25
CA ALA A 237 -3.50 3.61 0.70
C ALA A 237 -4.40 2.39 0.89
N LYS A 238 -5.32 2.51 1.84
CA LYS A 238 -6.35 1.50 2.04
C LYS A 238 -7.49 1.75 1.04
N VAL A 239 -7.81 0.73 0.27
CA VAL A 239 -8.81 0.82 -0.80
C VAL A 239 -10.01 -0.01 -0.38
N GLY A 240 -11.14 0.64 -0.11
CA GLY A 240 -12.35 -0.04 0.30
C GLY A 240 -13.49 0.26 -0.65
N GLN A 241 -14.45 -0.66 -0.71
CA GLN A 241 -15.59 -0.59 -1.62
C GLN A 241 -16.87 -0.78 -0.84
N LEU A 242 -17.89 0.01 -1.18
CA LEU A 242 -19.20 -0.09 -0.53
C LEU A 242 -20.28 -0.30 -1.59
N GLN A 243 -21.24 -1.15 -1.27
CA GLN A 243 -22.27 -1.56 -2.22
C GLN A 243 -23.48 -0.62 -2.14
N LEU A 244 -23.83 -0.02 -3.27
CA LEU A 244 -25.00 0.83 -3.38
C LEU A 244 -26.12 0.06 -4.08
N SER A 245 -27.15 0.77 -4.51
CA SER A 245 -28.20 0.19 -5.33
C SER A 245 -27.96 0.49 -6.80
N HIS A 246 -28.80 -0.11 -7.65
CA HIS A 246 -28.73 0.09 -9.10
C HIS A 246 -27.38 -0.36 -9.67
N ASN A 247 -26.87 -1.47 -9.13
CA ASN A 247 -25.59 -2.06 -9.55
C ASN A 247 -24.46 -1.04 -9.44
N LEU A 248 -24.57 -0.10 -8.50
CA LEU A 248 -23.56 0.91 -8.27
C LEU A 248 -22.80 0.60 -6.98
N SER A 249 -21.59 1.14 -6.90
CA SER A 249 -20.74 0.98 -5.73
C SER A 249 -19.87 2.22 -5.59
N LEU A 250 -19.56 2.58 -4.36
CA LEU A 250 -18.72 3.73 -4.05
C LEU A 250 -17.37 3.24 -3.55
N VAL A 251 -16.31 3.58 -4.27
CA VAL A 251 -14.95 3.23 -3.90
C VAL A 251 -14.34 4.39 -3.13
N ILE A 252 -13.60 4.08 -2.07
CA ILE A 252 -13.01 5.10 -1.21
C ILE A 252 -11.55 4.76 -0.98
N LEU A 253 -10.67 5.73 -1.23
CA LEU A 253 -9.22 5.54 -1.16
C LEU A 253 -8.66 6.47 -0.09
N VAL A 254 -8.17 5.89 1.00
CA VAL A 254 -7.67 6.63 2.14
C VAL A 254 -6.19 6.33 2.29
N PRO A 255 -5.32 7.33 2.44
CA PRO A 255 -3.91 7.06 2.71
C PRO A 255 -3.77 6.23 3.99
N GLN A 256 -2.78 5.35 3.99
CA GLN A 256 -2.53 4.50 5.15
C GLN A 256 -2.21 5.35 6.37
N ASN A 257 -0.99 5.88 6.44
CA ASN A 257 -0.58 6.72 7.55
C ASN A 257 -1.01 8.16 7.31
N LEU A 258 -0.77 9.00 8.32
CA LEU A 258 -0.86 10.44 8.12
C LEU A 258 0.43 11.02 7.55
N LYS A 259 1.47 10.20 7.40
CA LYS A 259 2.70 10.65 6.78
C LYS A 259 2.51 11.01 5.31
N HIS A 260 1.60 10.33 4.63
CA HIS A 260 1.35 10.55 3.21
C HIS A 260 0.19 11.52 3.05
N ARG A 261 0.46 12.70 2.50
CA ARG A 261 -0.60 13.65 2.22
C ARG A 261 -1.49 13.13 1.10
N LEU A 262 -2.73 13.64 1.05
CA LEU A 262 -3.63 13.28 -0.03
C LEU A 262 -3.09 13.73 -1.38
N GLU A 263 -2.33 14.83 -1.40
CA GLU A 263 -1.72 15.29 -2.64
C GLU A 263 -0.76 14.25 -3.20
N ASP A 264 0.04 13.62 -2.33
CA ASP A 264 0.93 12.56 -2.79
C ASP A 264 0.15 11.36 -3.31
N MET A 265 -1.04 11.11 -2.74
CA MET A 265 -1.88 10.05 -3.28
C MET A 265 -2.47 10.45 -4.64
N GLU A 266 -2.73 11.74 -4.84
CA GLU A 266 -3.25 12.20 -6.12
C GLU A 266 -2.21 12.04 -7.23
N GLN A 267 -0.96 12.42 -6.97
CA GLN A 267 0.08 12.32 -7.99
C GLN A 267 0.45 10.88 -8.31
N ALA A 268 0.02 9.91 -7.51
CA ALA A 268 0.39 8.51 -7.73
C ALA A 268 -0.65 7.73 -8.51
N LEU A 269 -1.82 8.32 -8.78
CA LEU A 269 -2.90 7.61 -9.46
C LEU A 269 -2.70 7.68 -10.97
N SER A 270 -2.39 6.55 -11.57
CA SER A 270 -2.20 6.42 -13.00
C SER A 270 -3.34 5.64 -13.62
N PRO A 271 -3.52 5.72 -14.94
CA PRO A 271 -4.53 4.85 -15.59
C PRO A 271 -4.27 3.37 -15.34
N SER A 272 -3.01 2.98 -15.14
CA SER A 272 -2.69 1.59 -14.85
C SER A 272 -3.05 1.22 -13.42
N VAL A 273 -2.75 2.09 -12.46
CA VAL A 273 -3.10 1.83 -11.07
C VAL A 273 -4.62 1.78 -10.91
N PHE A 274 -5.32 2.71 -11.56
CA PHE A 274 -6.79 2.70 -11.53
C PHE A 274 -7.34 1.35 -11.97
N LYS A 275 -6.97 0.91 -13.17
CA LYS A 275 -7.52 -0.34 -13.69
C LYS A 275 -7.02 -1.55 -12.93
N ALA A 276 -5.85 -1.45 -12.30
CA ALA A 276 -5.32 -2.55 -11.50
C ALA A 276 -6.00 -2.66 -10.14
N ILE A 277 -6.72 -1.63 -9.71
CA ILE A 277 -7.42 -1.64 -8.44
C ILE A 277 -8.88 -2.04 -8.59
N MET A 278 -9.56 -1.51 -9.62
CA MET A 278 -10.96 -1.89 -9.85
C MET A 278 -11.09 -3.37 -10.22
N GLU A 279 -10.13 -3.91 -10.95
CA GLU A 279 -10.16 -5.33 -11.29
C GLU A 279 -9.81 -6.20 -10.09
N LYS A 280 -9.10 -5.66 -9.11
CA LYS A 280 -8.84 -6.38 -7.87
C LYS A 280 -10.01 -6.29 -6.90
N LEU A 281 -10.87 -5.28 -7.03
CA LEU A 281 -12.06 -5.17 -6.19
C LEU A 281 -13.23 -5.98 -6.74
N GLU A 282 -13.30 -6.16 -8.06
CA GLU A 282 -14.33 -7.02 -8.63
C GLU A 282 -14.14 -8.48 -8.23
N MET A 283 -12.94 -8.85 -7.77
CA MET A 283 -12.64 -10.21 -7.38
C MET A 283 -12.32 -10.34 -5.89
N SER A 284 -12.50 -9.28 -5.10
CA SER A 284 -12.36 -9.34 -3.66
C SER A 284 -13.74 -9.39 -3.01
N LYS A 285 -13.92 -10.33 -2.07
CA LYS A 285 -15.22 -10.58 -1.48
C LYS A 285 -15.57 -9.55 -0.41
N PHE A 286 -16.83 -9.14 -0.39
CA PHE A 286 -17.33 -8.29 0.69
C PHE A 286 -17.41 -9.08 1.98
N GLN A 287 -16.76 -8.55 3.03
CA GLN A 287 -16.64 -9.22 4.31
C GLN A 287 -17.16 -8.33 5.43
N PRO A 288 -17.72 -8.90 6.50
CA PRO A 288 -18.22 -8.09 7.62
C PRO A 288 -17.14 -7.23 8.24
N THR A 289 -17.17 -5.93 7.95
CA THR A 289 -16.14 -4.99 8.39
C THR A 289 -16.73 -3.99 9.37
N LEU A 290 -15.90 -3.58 10.33
CA LEU A 290 -16.21 -2.45 11.20
C LEU A 290 -15.76 -1.17 10.51
N LEU A 291 -16.69 -0.23 10.36
CA LEU A 291 -16.50 0.93 9.49
C LEU A 291 -16.93 2.19 10.22
N THR A 292 -16.25 3.29 9.91
CA THR A 292 -16.60 4.61 10.44
C THR A 292 -16.16 5.68 9.45
N LEU A 293 -17.09 6.55 9.05
CA LEU A 293 -16.82 7.57 8.06
C LEU A 293 -17.85 8.69 8.23
N PRO A 294 -17.51 9.91 7.81
CA PRO A 294 -18.48 11.01 7.88
C PRO A 294 -19.46 10.98 6.72
N ARG A 295 -20.54 11.75 6.87
CA ARG A 295 -21.52 11.87 5.79
C ARG A 295 -20.88 12.49 4.56
N ILE A 296 -21.28 11.99 3.39
CA ILE A 296 -20.80 12.52 2.11
C ILE A 296 -21.87 13.44 1.55
N LYS A 297 -21.55 14.73 1.44
CA LYS A 297 -22.47 15.74 0.93
C LYS A 297 -21.63 16.83 0.26
N VAL A 298 -21.34 16.63 -1.02
CA VAL A 298 -20.47 17.52 -1.79
C VAL A 298 -21.22 17.99 -3.02
N THR A 299 -21.22 19.30 -3.24
CA THR A 299 -21.78 19.91 -4.43
C THR A 299 -20.72 20.83 -5.05
N THR A 300 -20.55 20.73 -6.36
CA THR A 300 -19.47 21.44 -7.05
C THR A 300 -20.00 22.02 -8.35
N SER A 301 -20.10 23.34 -8.40
CA SER A 301 -20.33 24.07 -9.65
C SER A 301 -18.99 24.53 -10.20
N GLN A 302 -18.76 24.29 -11.49
CA GLN A 302 -17.47 24.64 -12.09
C GLN A 302 -17.68 25.04 -13.54
N ASP A 303 -17.08 26.16 -13.93
CA ASP A 303 -17.07 26.58 -15.33
C ASP A 303 -16.20 25.61 -16.12
N MET A 304 -16.83 24.75 -16.91
CA MET A 304 -16.13 23.66 -17.57
C MET A 304 -15.21 24.14 -18.69
N LEU A 305 -15.43 25.34 -19.20
CA LEU A 305 -14.50 25.88 -20.19
C LEU A 305 -13.12 26.09 -19.58
N SER A 306 -13.08 26.51 -18.31
CA SER A 306 -11.79 26.61 -17.61
C SER A 306 -11.14 25.25 -17.48
N ILE A 307 -11.93 24.18 -17.50
CA ILE A 307 -11.38 22.83 -17.46
C ILE A 307 -10.83 22.43 -18.82
N MET A 308 -11.52 22.80 -19.89
CA MET A 308 -11.07 22.45 -21.23
C MET A 308 -9.70 23.08 -21.53
N GLU A 309 -9.52 24.34 -21.16
CA GLU A 309 -8.22 24.98 -21.35
C GLU A 309 -7.16 24.38 -20.43
N LYS A 310 -7.57 23.86 -19.27
CA LYS A 310 -6.63 23.17 -18.39
C LYS A 310 -6.22 21.81 -18.94
N LEU A 311 -6.89 21.33 -19.98
CA LEU A 311 -6.50 20.11 -20.69
C LEU A 311 -5.97 20.42 -22.08
N GLU A 312 -5.50 21.64 -22.31
CA GLU A 312 -5.01 22.08 -23.61
C GLU A 312 -6.01 21.77 -24.73
N PHE A 313 -7.25 22.21 -24.52
CA PHE A 313 -8.32 22.09 -25.51
C PHE A 313 -8.86 23.49 -25.74
N PHE A 314 -8.26 24.21 -26.70
CA PHE A 314 -8.61 25.59 -27.00
C PHE A 314 -9.52 25.68 -28.22
N ASP A 315 -10.49 24.78 -28.35
CA ASP A 315 -11.41 24.79 -29.48
C ASP A 315 -12.72 25.50 -29.19
N PHE A 316 -13.16 25.52 -27.93
CA PHE A 316 -14.44 26.13 -27.59
C PHE A 316 -14.37 27.65 -27.54
N SER A 317 -13.17 28.23 -27.58
CA SER A 317 -13.00 29.67 -27.60
C SER A 317 -12.23 30.16 -28.82
N TYR A 318 -11.82 29.27 -29.71
CA TYR A 318 -11.07 29.65 -30.91
C TYR A 318 -11.13 28.51 -31.90
N ASP A 319 -11.42 28.82 -33.16
CA ASP A 319 -11.38 27.87 -34.26
C ASP A 319 -12.32 26.69 -34.01
N LEU A 320 -13.55 27.01 -33.60
CA LEU A 320 -14.55 25.98 -33.31
C LEU A 320 -15.13 25.47 -34.62
N ASN A 321 -15.05 24.15 -34.83
CA ASN A 321 -15.49 23.51 -36.06
C ASN A 321 -16.61 22.53 -35.71
N LEU A 322 -17.86 22.94 -35.94
CA LEU A 322 -19.04 22.15 -35.64
C LEU A 322 -19.95 22.15 -36.87
N CYS A 323 -19.49 21.52 -37.96
CA CYS A 323 -20.24 21.57 -39.21
C CYS A 323 -21.46 20.66 -39.20
N GLY A 324 -21.39 19.53 -38.47
CA GLY A 324 -22.53 18.62 -38.43
C GLY A 324 -23.71 19.18 -37.66
N LEU A 325 -23.45 20.07 -36.70
CA LEU A 325 -24.51 20.72 -35.94
C LEU A 325 -25.08 21.93 -36.68
N THR A 326 -24.21 22.87 -37.04
CA THR A 326 -24.62 24.09 -37.71
C THR A 326 -23.62 24.41 -38.82
N GLU A 327 -24.04 25.26 -39.75
CA GLU A 327 -23.19 25.73 -40.83
C GLU A 327 -22.69 27.15 -40.60
N ASP A 328 -22.84 27.66 -39.38
CA ASP A 328 -22.39 29.00 -39.07
C ASP A 328 -20.87 29.05 -38.98
N PRO A 329 -20.21 30.02 -39.61
CA PRO A 329 -18.74 30.06 -39.57
C PRO A 329 -18.21 30.68 -38.28
N ASP A 330 -18.87 31.71 -37.79
CA ASP A 330 -18.45 32.42 -36.57
C ASP A 330 -19.27 31.86 -35.41
N LEU A 331 -18.68 30.87 -34.71
CA LEU A 331 -19.35 30.20 -33.61
C LEU A 331 -18.34 29.86 -32.54
N GLN A 332 -18.67 30.21 -31.29
CA GLN A 332 -17.84 29.88 -30.15
C GLN A 332 -18.74 29.59 -28.96
N VAL A 333 -18.28 28.71 -28.08
CA VAL A 333 -19.07 28.31 -26.91
C VAL A 333 -19.15 29.48 -25.96
N SER A 334 -20.37 30.00 -25.75
CA SER A 334 -20.55 31.19 -24.92
C SER A 334 -20.45 30.88 -23.43
N ALA A 335 -20.83 29.68 -23.01
CA ALA A 335 -20.76 29.29 -21.62
C ALA A 335 -20.81 27.77 -21.53
N MET A 336 -20.33 27.24 -20.41
CA MET A 336 -20.35 25.81 -20.17
C MET A 336 -20.13 25.57 -18.69
N GLN A 337 -21.15 25.03 -18.01
CA GLN A 337 -21.17 24.88 -16.56
C GLN A 337 -21.61 23.47 -16.21
N HIS A 338 -21.03 22.92 -15.13
CA HIS A 338 -21.42 21.63 -14.61
C HIS A 338 -21.69 21.75 -13.12
N GLN A 339 -22.64 20.94 -12.64
CA GLN A 339 -22.93 20.87 -11.21
C GLN A 339 -23.27 19.44 -10.86
N THR A 340 -22.58 18.91 -9.84
CA THR A 340 -22.83 17.57 -9.32
C THR A 340 -23.32 17.69 -7.88
N VAL A 341 -24.50 17.14 -7.61
CA VAL A 341 -25.06 17.18 -6.26
C VAL A 341 -25.10 15.75 -5.73
N LEU A 342 -23.98 15.29 -5.17
CA LEU A 342 -23.89 13.96 -4.61
C LEU A 342 -24.13 14.03 -3.11
N GLU A 343 -25.00 13.15 -2.62
CA GLU A 343 -25.31 13.13 -1.19
C GLU A 343 -25.62 11.69 -0.78
N LEU A 344 -25.02 11.26 0.33
CA LEU A 344 -25.27 9.94 0.88
C LEU A 344 -25.24 10.03 2.39
N THR A 345 -26.35 9.61 3.03
CA THR A 345 -26.44 9.65 4.48
C THR A 345 -26.76 8.27 5.05
N GLU A 346 -27.52 8.23 6.14
CA GLU A 346 -27.85 6.99 6.81
C GLU A 346 -29.01 6.23 6.15
N THR A 347 -29.38 6.65 4.94
CA THR A 347 -30.48 5.99 4.20
C THR A 347 -29.91 4.84 3.37
N GLY A 348 -30.56 3.68 3.40
CA GLY A 348 -30.08 2.52 2.62
C GLY A 348 -31.22 1.66 2.12
N VAL A 349 -30.90 0.51 1.51
CA VAL A 349 -31.96 -0.43 1.05
C VAL A 349 -32.08 -1.56 2.08
N GLU A 350 -31.51 -2.73 1.80
CA GLU A 350 -31.58 -3.88 2.74
C GLU A 350 -31.11 -3.38 4.10
N ALA A 351 -32.03 -3.24 5.06
CA ALA A 351 -31.67 -2.73 6.40
C ALA A 351 -30.38 -3.39 6.86
N ALA A 352 -30.34 -4.73 6.90
CA ALA A 352 -29.14 -5.42 7.44
C ALA A 352 -29.15 -6.89 7.02
N ALA A 353 -28.03 -7.59 7.20
CA ALA A 353 -27.97 -9.04 6.88
C ALA A 353 -27.61 -9.85 8.12
N ALA A 354 -27.00 -9.21 9.12
CA ALA A 354 -26.58 -9.90 10.37
C ALA A 354 -25.74 -11.14 10.02
N SER A 355 -26.14 -12.33 10.49
CA SER A 355 -25.44 -13.58 10.13
C SER A 355 -23.94 -13.50 10.47
N ALA A 356 -23.61 -13.04 11.68
CA ALA A 356 -22.19 -12.96 12.11
C ALA A 356 -21.86 -14.14 13.04
N ILE A 357 -20.60 -14.59 13.05
CA ILE A 357 -20.16 -15.76 13.84
C ILE A 357 -18.63 -16.07 13.70
N SER A 358 -17.95 -15.20 12.95
CA SER A 358 -16.50 -15.39 12.68
C SER A 358 -15.88 -15.85 14.00
N VAL A 359 -15.21 -17.00 14.01
CA VAL A 359 -14.59 -17.55 15.26
C VAL A 359 -13.11 -17.15 15.31
N ALA A 360 -12.58 -16.61 14.21
CA ALA A 360 -11.16 -16.19 14.18
C ALA A 360 -10.85 -15.05 15.16
N ARG A 361 -9.69 -15.11 15.83
CA ARG A 361 -9.34 -14.07 16.84
C ARG A 361 -8.71 -12.77 16.25
N THR A 362 -9.16 -12.42 15.05
CA THR A 362 -8.67 -11.17 14.39
C THR A 362 -9.72 -10.06 14.27
N LEU A 363 -9.32 -8.88 13.78
CA LEU A 363 -10.27 -7.77 13.60
C LEU A 363 -10.19 -7.25 12.16
N LEU A 364 -11.34 -7.03 11.52
CA LEU A 364 -11.37 -6.46 10.15
C LEU A 364 -11.85 -5.00 10.25
N VAL A 365 -11.06 -4.05 9.75
CA VAL A 365 -11.45 -2.62 9.96
C VAL A 365 -11.12 -1.76 8.74
N PHE A 366 -11.94 -0.75 8.47
CA PHE A 366 -11.66 0.23 7.40
C PHE A 366 -12.12 1.57 7.97
N GLU A 367 -11.24 2.55 8.06
CA GLU A 367 -11.62 3.79 8.73
C GLU A 367 -11.15 4.99 7.92
N VAL A 368 -12.09 5.86 7.57
CA VAL A 368 -11.83 7.05 6.77
C VAL A 368 -11.97 8.25 7.71
N GLN A 369 -10.83 8.74 8.22
CA GLN A 369 -10.84 9.83 9.19
C GLN A 369 -9.84 10.91 8.81
N GLN A 370 -9.67 11.12 7.50
CA GLN A 370 -8.69 12.04 6.96
C GLN A 370 -9.07 12.36 5.52
N PRO A 371 -8.50 13.40 4.92
CA PRO A 371 -8.78 13.68 3.51
C PRO A 371 -8.58 12.44 2.64
N PHE A 372 -9.56 12.18 1.78
CA PHE A 372 -9.64 10.96 1.01
C PHE A 372 -10.12 11.27 -0.40
N LEU A 373 -10.17 10.23 -1.23
CA LEU A 373 -10.66 10.33 -2.60
C LEU A 373 -11.72 9.26 -2.81
N PHE A 374 -12.87 9.66 -3.35
CA PHE A 374 -13.99 8.75 -3.56
C PHE A 374 -14.33 8.65 -5.04
N VAL A 375 -14.75 7.46 -5.45
CA VAL A 375 -15.20 7.20 -6.81
C VAL A 375 -16.45 6.34 -6.75
N LEU A 376 -17.56 6.83 -7.28
CA LEU A 376 -18.78 6.04 -7.41
C LEU A 376 -18.69 5.24 -8.71
N TRP A 377 -18.63 3.91 -8.58
CA TRP A 377 -18.33 3.02 -9.68
C TRP A 377 -19.58 2.26 -10.12
N ASP A 378 -19.65 2.00 -11.42
CA ASP A 378 -20.72 1.19 -12.02
C ASP A 378 -20.13 -0.18 -12.33
N GLN A 379 -20.47 -1.16 -11.49
CA GLN A 379 -19.86 -2.48 -11.61
C GLN A 379 -20.28 -3.20 -12.89
N GLN A 380 -21.45 -2.86 -13.42
CA GLN A 380 -21.97 -3.57 -14.59
C GLN A 380 -21.16 -3.25 -15.84
N HIS A 381 -21.15 -1.98 -16.26
CA HIS A 381 -20.46 -1.56 -17.47
C HIS A 381 -19.00 -1.18 -17.21
N LYS A 382 -18.56 -1.23 -15.95
CA LYS A 382 -17.18 -0.94 -15.57
C LYS A 382 -16.71 0.42 -16.06
N PHE A 383 -17.08 1.47 -15.33
CA PHE A 383 -16.70 2.85 -15.65
C PHE A 383 -16.96 3.75 -14.45
N PRO A 384 -16.19 4.81 -14.25
CA PRO A 384 -16.41 5.70 -13.10
C PRO A 384 -17.56 6.66 -13.37
N VAL A 385 -18.60 6.58 -12.56
CA VAL A 385 -19.75 7.48 -12.68
C VAL A 385 -19.44 8.82 -12.04
N PHE A 386 -19.03 8.80 -10.78
CA PHE A 386 -18.62 10.00 -10.06
C PHE A 386 -17.17 9.88 -9.63
N MET A 387 -16.60 11.00 -9.21
CA MET A 387 -15.20 11.06 -8.82
C MET A 387 -14.91 12.39 -8.13
N GLY A 388 -14.23 12.35 -6.98
CA GLY A 388 -13.94 13.58 -6.27
C GLY A 388 -13.15 13.30 -5.01
N ARG A 389 -13.06 14.32 -4.17
CA ARG A 389 -12.35 14.24 -2.90
C ARG A 389 -13.12 15.01 -1.85
N VAL A 390 -12.75 14.79 -0.59
CA VAL A 390 -13.40 15.46 0.55
C VAL A 390 -12.30 15.84 1.54
N TYR A 391 -12.03 17.14 1.64
CA TYR A 391 -11.04 17.65 2.59
C TYR A 391 -11.66 18.09 3.92
N ASP A 392 -12.94 18.42 3.92
CA ASP A 392 -13.64 18.85 5.13
C ASP A 392 -15.09 18.39 5.07
N PRO A 393 -15.50 17.45 5.91
CA PRO A 393 -16.91 17.00 5.90
C PRO A 393 -17.90 18.09 6.27
N ARG A 394 -17.44 19.17 6.90
CA ARG A 394 -18.32 20.28 7.27
C ARG A 394 -18.56 21.21 6.08
N ILE B 1 -7.04 -8.85 24.36
CA ILE B 1 -6.52 -9.28 25.65
C ILE B 1 -7.52 -8.95 26.75
N ILE B 2 -8.38 -9.90 27.06
CA ILE B 2 -9.38 -9.71 28.11
C ILE B 2 -8.80 -10.17 29.43
N GLY B 3 -9.17 -9.47 30.51
CA GLY B 3 -8.66 -9.80 31.82
C GLY B 3 -7.19 -9.54 32.03
N GLY B 4 -6.59 -8.64 31.25
CA GLY B 4 -5.18 -8.36 31.33
C GLY B 4 -4.88 -6.97 31.82
N SER B 5 -3.58 -6.71 32.01
CA SER B 5 -3.09 -5.43 32.49
C SER B 5 -2.34 -4.70 31.37
N ASP B 6 -2.01 -3.44 31.65
CA ASP B 6 -1.25 -2.64 30.71
C ASP B 6 0.19 -3.14 30.63
N ALA B 7 0.85 -2.86 29.51
CA ALA B 7 2.22 -3.28 29.30
C ALA B 7 2.85 -2.39 28.22
N ASP B 8 3.96 -1.75 28.56
CA ASP B 8 4.69 -0.96 27.57
C ASP B 8 5.23 -1.88 26.47
N ILE B 9 5.59 -1.26 25.33
CA ILE B 9 6.14 -2.03 24.22
C ILE B 9 7.46 -2.68 24.60
N LYS B 10 8.11 -2.22 25.68
CA LYS B 10 9.34 -2.85 26.12
C LYS B 10 9.09 -4.26 26.66
N ASN B 11 7.89 -4.52 27.19
CA ASN B 11 7.55 -5.86 27.66
C ASN B 11 7.43 -6.84 26.50
N PHE B 12 7.08 -6.35 25.31
CA PHE B 12 6.91 -7.19 24.12
C PHE B 12 7.49 -6.45 22.92
N PRO B 13 8.83 -6.41 22.81
CA PRO B 13 9.45 -5.73 21.66
C PRO B 13 9.28 -6.48 20.35
N TRP B 14 8.88 -7.75 20.39
CA TRP B 14 8.62 -8.53 19.19
C TRP B 14 7.20 -8.37 18.67
N GLN B 15 6.34 -7.67 19.41
CA GLN B 15 4.93 -7.58 19.06
C GLN B 15 4.75 -6.63 17.88
N VAL B 16 4.39 -7.19 16.73
CA VAL B 16 4.13 -6.42 15.53
C VAL B 16 2.64 -6.14 15.46
N PHE B 17 2.27 -4.96 14.96
CA PHE B 17 0.85 -4.60 14.82
C PHE B 17 0.47 -4.57 13.34
N PHE B 18 -0.72 -5.07 13.00
CA PHE B 18 -1.14 -5.15 11.58
C PHE B 18 -2.37 -4.29 11.31
N ASP B 19 -2.37 -3.52 10.22
CA ASP B 19 -3.50 -2.57 9.97
C ASP B 19 -4.71 -3.25 9.30
N ASN B 20 -4.67 -3.46 7.97
CA ASN B 20 -5.87 -4.02 7.27
C ASN B 20 -6.43 -5.17 8.12
N PRO B 21 -5.72 -6.30 8.33
CA PRO B 21 -6.23 -7.31 9.24
C PRO B 21 -5.83 -6.77 10.62
N TRP B 22 -6.59 -5.82 11.16
CA TRP B 22 -6.28 -5.34 12.53
C TRP B 22 -5.90 -6.55 13.36
N ALA B 23 -4.61 -6.88 13.41
CA ALA B 23 -4.21 -8.13 14.11
C ALA B 23 -2.81 -7.98 14.68
N GLY B 24 -2.23 -9.10 15.10
CA GLY B 24 -0.91 -9.05 15.69
C GLY B 24 0.12 -9.79 14.86
N GLY B 25 1.36 -9.72 15.33
CA GLY B 25 2.47 -10.37 14.66
C GLY B 25 3.58 -10.68 15.64
N ALA B 26 4.67 -11.23 15.12
CA ALA B 26 5.80 -11.62 15.94
C ALA B 26 7.06 -11.54 15.11
N LEU B 27 8.02 -10.72 15.56
CA LEU B 27 9.32 -10.62 14.91
C LEU B 27 10.19 -11.79 15.36
N ILE B 28 10.96 -12.35 14.43
CA ILE B 28 11.78 -13.53 14.73
C ILE B 28 13.24 -13.26 14.36
N ASN B 29 13.47 -12.40 13.37
CA ASN B 29 14.81 -11.99 13.00
C ASN B 29 14.71 -10.65 12.27
N GLU B 30 15.80 -10.24 11.62
CA GLU B 30 15.85 -8.92 11.00
C GLU B 30 15.08 -8.82 9.69
N TYR B 31 14.60 -9.93 9.14
CA TYR B 31 13.96 -9.91 7.83
C TYR B 31 12.60 -10.58 7.77
N TRP B 32 12.20 -11.32 8.80
CA TRP B 32 10.99 -12.14 8.73
C TRP B 32 10.08 -11.87 9.91
N VAL B 33 8.78 -11.87 9.65
CA VAL B 33 7.76 -11.68 10.68
C VAL B 33 6.83 -12.88 10.65
N LEU B 34 6.48 -13.38 11.82
CA LEU B 34 5.61 -14.54 11.97
C LEU B 34 4.23 -14.09 12.40
N THR B 35 3.20 -14.61 11.74
CA THR B 35 1.81 -14.28 12.05
C THR B 35 0.94 -15.47 11.63
N ALA B 36 -0.38 -15.27 11.69
CA ALA B 36 -1.32 -16.31 11.31
C ALA B 36 -1.59 -16.25 9.81
N ALA B 37 -2.03 -17.40 9.27
CA ALA B 37 -2.32 -17.47 7.84
C ALA B 37 -3.52 -16.61 7.46
N HIS B 38 -4.58 -16.65 8.27
CA HIS B 38 -5.76 -15.84 8.01
C HIS B 38 -5.51 -14.35 8.22
N VAL B 39 -4.46 -13.99 8.95
CA VAL B 39 -4.10 -12.58 9.11
C VAL B 39 -3.73 -11.97 7.76
N VAL B 40 -2.79 -12.61 7.05
CA VAL B 40 -2.36 -12.14 5.75
C VAL B 40 -3.04 -12.97 4.66
N GLU B 41 -4.32 -13.28 4.86
CA GLU B 41 -5.08 -14.08 3.91
C GLU B 41 -5.50 -13.25 2.70
N GLY B 42 -6.46 -12.35 2.88
CA GLY B 42 -6.92 -11.48 1.82
C GLY B 42 -6.10 -10.24 1.59
N ASN B 43 -5.02 -10.05 2.36
CA ASN B 43 -4.14 -8.90 2.24
C ASN B 43 -2.72 -9.41 2.04
N ARG B 44 -2.28 -9.49 0.78
CA ARG B 44 -0.93 -9.98 0.49
C ARG B 44 0.15 -8.96 0.76
N GLU B 45 -0.20 -7.82 1.36
CA GLU B 45 0.78 -6.81 1.71
C GLU B 45 0.30 -6.11 2.97
N PRO B 46 0.68 -6.61 4.15
CA PRO B 46 0.17 -6.05 5.39
C PRO B 46 0.83 -4.71 5.72
N THR B 47 0.23 -4.04 6.70
CA THR B 47 0.71 -2.75 7.20
C THR B 47 1.19 -2.98 8.62
N MET B 48 2.51 -3.01 8.81
CA MET B 48 3.11 -3.46 10.06
C MET B 48 3.79 -2.31 10.79
N TYR B 49 3.76 -2.39 12.12
CA TYR B 49 4.35 -1.37 12.99
C TYR B 49 4.98 -2.04 14.20
N VAL B 50 6.07 -1.45 14.69
CA VAL B 50 6.79 -1.94 15.86
C VAL B 50 7.28 -0.76 16.70
N GLY B 51 7.71 -1.07 17.92
CA GLY B 51 8.32 -0.09 18.80
C GLY B 51 7.43 1.08 19.19
N SER B 52 6.27 0.77 19.76
CA SER B 52 5.32 1.81 20.16
C SER B 52 4.46 1.27 21.28
N THR B 53 4.40 2.02 22.39
CA THR B 53 3.50 1.65 23.48
C THR B 53 2.04 1.76 23.03
N SER B 54 1.71 2.83 22.34
CA SER B 54 0.34 3.14 21.93
C SER B 54 0.20 3.01 20.42
N VAL B 55 -1.04 2.73 19.99
CA VAL B 55 -1.34 2.64 18.56
C VAL B 55 -2.35 3.73 18.22
N GLN B 56 -2.31 4.84 18.96
CA GLN B 56 -3.10 6.01 18.60
C GLN B 56 -2.81 6.42 17.15
N THR B 57 -3.84 6.92 16.47
CA THR B 57 -3.65 7.40 15.11
C THR B 57 -2.52 8.43 15.04
N SER B 58 -2.39 9.25 16.08
CA SER B 58 -1.30 10.19 16.17
C SER B 58 0.06 9.51 16.38
N ARG B 59 0.05 8.23 16.74
CA ARG B 59 1.33 7.54 17.07
C ARG B 59 1.83 6.71 15.88
N LEU B 60 0.92 6.10 15.11
CA LEU B 60 1.36 5.21 14.04
C LEU B 60 2.14 5.96 12.97
N ALA B 61 1.91 7.26 12.81
CA ALA B 61 2.66 8.04 11.85
C ALA B 61 4.09 8.30 12.34
N LYS B 62 4.33 8.19 13.65
CA LYS B 62 5.66 8.38 14.23
C LYS B 62 6.28 7.07 14.71
N SER B 63 5.73 5.94 14.29
CA SER B 63 6.29 4.63 14.63
C SER B 63 6.88 3.99 13.38
N LYS B 64 7.82 3.07 13.60
CA LYS B 64 8.52 2.41 12.51
C LYS B 64 7.57 1.51 11.73
N MET B 65 7.44 1.75 10.42
CA MET B 65 6.60 0.91 9.57
C MET B 65 7.50 -0.03 8.77
N LEU B 66 7.15 -1.31 8.76
CA LEU B 66 7.90 -2.33 8.03
C LEU B 66 7.34 -2.50 6.63
N THR B 67 8.23 -2.61 5.65
CA THR B 67 7.83 -2.77 4.26
C THR B 67 7.94 -4.23 3.88
N PRO B 68 6.83 -4.94 3.65
CA PRO B 68 6.91 -6.36 3.30
C PRO B 68 7.31 -6.58 1.85
N GLU B 69 8.01 -7.69 1.63
CA GLU B 69 8.47 -8.10 0.31
C GLU B 69 7.65 -9.22 -0.31
N HIS B 70 7.23 -10.19 0.50
CA HIS B 70 6.45 -11.31 0.02
C HIS B 70 5.82 -12.01 1.22
N VAL B 71 4.67 -12.64 1.00
CA VAL B 71 3.92 -13.31 2.06
C VAL B 71 3.93 -14.80 1.79
N PHE B 72 4.38 -15.57 2.79
CA PHE B 72 4.46 -17.03 2.67
C PHE B 72 3.46 -17.66 3.63
N ILE B 73 2.48 -18.37 3.08
CA ILE B 73 1.46 -19.06 3.84
C ILE B 73 1.80 -20.54 3.90
N HIS B 74 1.43 -21.20 4.99
CA HIS B 74 1.68 -22.63 5.12
C HIS B 74 0.73 -23.37 4.18
N PRO B 75 1.23 -24.35 3.41
CA PRO B 75 0.38 -25.00 2.40
C PRO B 75 -0.87 -25.68 2.95
N GLY B 76 -0.90 -26.00 4.24
CA GLY B 76 -2.04 -26.67 4.81
C GLY B 76 -3.15 -25.74 5.23
N TRP B 77 -3.33 -24.65 4.50
CA TRP B 77 -4.35 -23.66 4.79
C TRP B 77 -5.45 -23.70 3.72
N LYS B 78 -6.58 -23.08 4.03
CA LYS B 78 -7.68 -22.94 3.08
C LYS B 78 -7.27 -22.01 1.94
N LEU B 79 -8.24 -21.65 1.10
CA LEU B 79 -7.95 -20.80 -0.05
C LEU B 79 -9.02 -19.71 -0.20
N LEU B 80 -9.66 -19.67 -1.37
CA LEU B 80 -10.67 -18.66 -1.69
C LEU B 80 -11.92 -18.79 -0.82
N GLU B 81 -11.88 -19.72 0.14
CA GLU B 81 -12.98 -19.91 1.09
C GLU B 81 -13.46 -18.59 1.65
N VAL B 82 -14.75 -18.32 1.46
CA VAL B 82 -15.46 -17.16 2.00
C VAL B 82 -15.06 -17.00 3.47
N PRO B 83 -14.78 -15.76 3.93
CA PRO B 83 -14.20 -15.52 5.27
C PRO B 83 -14.40 -16.56 6.36
N GLU B 84 -15.62 -17.11 6.49
CA GLU B 84 -15.91 -18.07 7.55
C GLU B 84 -15.02 -19.31 7.45
N GLY B 85 -14.10 -19.47 8.40
CA GLY B 85 -13.25 -20.65 8.45
C GLY B 85 -13.97 -21.85 9.03
N ARG B 86 -15.17 -22.12 8.51
CA ARG B 86 -15.99 -23.20 9.01
C ARG B 86 -15.25 -24.54 8.95
N THR B 87 -14.46 -24.75 7.90
CA THR B 87 -13.73 -26.00 7.73
C THR B 87 -12.71 -26.19 8.84
N ASN B 88 -11.64 -25.41 8.85
CA ASN B 88 -10.59 -25.54 9.85
C ASN B 88 -9.79 -24.24 9.94
N PHE B 89 -8.93 -24.21 10.94
CA PHE B 89 -7.82 -23.26 11.02
C PHE B 89 -6.54 -24.04 11.27
N ASP B 90 -6.50 -25.29 10.82
CA ASP B 90 -5.27 -26.07 10.89
C ASP B 90 -4.21 -25.44 10.02
N ASN B 91 -2.97 -25.44 10.52
CA ASN B 91 -1.84 -24.82 9.82
C ASN B 91 -2.07 -23.32 9.63
N ASP B 92 -2.55 -22.67 10.68
CA ASP B 92 -2.80 -21.23 10.68
C ASP B 92 -1.51 -20.52 11.07
N ILE B 93 -0.62 -20.39 10.10
CA ILE B 93 0.69 -19.78 10.32
C ILE B 93 1.20 -19.25 8.98
N ALA B 94 1.97 -18.17 9.03
CA ALA B 94 2.47 -17.55 7.82
C ALA B 94 3.73 -16.75 8.14
N LEU B 95 4.60 -16.63 7.14
CA LEU B 95 5.84 -15.88 7.25
C LEU B 95 5.81 -14.70 6.29
N VAL B 96 6.26 -13.54 6.77
CA VAL B 96 6.30 -12.31 5.98
C VAL B 96 7.76 -11.90 5.84
N ARG B 97 8.22 -11.80 4.60
CA ARG B 97 9.58 -11.34 4.31
C ARG B 97 9.60 -9.83 4.18
N LEU B 98 10.54 -9.19 4.86
CA LEU B 98 10.67 -7.73 4.83
C LEU B 98 11.70 -7.31 3.81
N LYS B 99 11.40 -6.21 3.11
CA LYS B 99 12.35 -5.66 2.14
C LYS B 99 13.56 -5.07 2.83
N ASP B 100 13.35 -4.39 3.97
CA ASP B 100 14.41 -3.74 4.71
C ASP B 100 14.67 -4.44 6.05
N PRO B 101 15.92 -4.53 6.47
CA PRO B 101 16.21 -5.10 7.79
C PRO B 101 15.71 -4.20 8.91
N VAL B 102 15.61 -4.78 10.10
CA VAL B 102 15.02 -4.12 11.26
C VAL B 102 16.14 -3.76 12.23
N LYS B 103 16.32 -2.47 12.46
CA LYS B 103 17.26 -2.00 13.48
C LYS B 103 16.67 -2.27 14.86
N MET B 104 17.36 -3.07 15.66
CA MET B 104 16.88 -3.49 16.96
C MET B 104 17.37 -2.55 18.05
N GLY B 105 16.55 -2.40 19.08
CA GLY B 105 16.85 -1.49 20.17
C GLY B 105 16.05 -1.77 21.42
N PRO B 106 15.78 -0.73 22.22
CA PRO B 106 15.06 -0.94 23.48
C PRO B 106 13.59 -1.24 23.30
N THR B 107 12.98 -0.89 22.17
CA THR B 107 11.57 -1.14 21.94
C THR B 107 11.30 -2.10 20.80
N VAL B 108 12.33 -2.57 20.09
CA VAL B 108 12.17 -3.58 19.05
C VAL B 108 13.33 -4.56 19.17
N SER B 109 13.00 -5.82 19.49
CA SER B 109 13.95 -6.93 19.45
C SER B 109 13.15 -8.20 19.28
N PRO B 110 13.61 -9.17 18.51
CA PRO B 110 12.79 -10.34 18.18
C PRO B 110 12.78 -11.38 19.28
N ILE B 111 11.80 -12.26 19.21
CA ILE B 111 11.64 -13.36 20.16
C ILE B 111 12.28 -14.61 19.56
N CYS B 112 12.68 -15.54 20.44
CA CYS B 112 13.28 -16.78 19.97
C CYS B 112 12.21 -17.71 19.42
N LEU B 113 12.67 -18.77 18.76
CA LEU B 113 11.83 -19.79 18.16
C LEU B 113 11.91 -21.09 18.97
N PRO B 114 10.84 -21.88 19.00
CA PRO B 114 10.87 -23.12 19.80
C PRO B 114 11.88 -24.13 19.25
N GLY B 115 12.65 -24.72 20.17
CA GLY B 115 13.64 -25.70 19.79
C GLY B 115 13.03 -27.04 19.44
N THR B 116 13.80 -27.85 18.71
CA THR B 116 13.32 -29.13 18.22
C THR B 116 13.36 -30.24 19.27
N SER B 117 13.92 -29.98 20.45
CA SER B 117 14.00 -31.00 21.48
C SER B 117 12.62 -31.26 22.07
N SER B 118 12.56 -32.19 23.03
CA SER B 118 11.30 -32.58 23.65
C SER B 118 10.95 -31.75 24.88
N ASP B 119 11.88 -30.93 25.39
CA ASP B 119 11.54 -30.06 26.52
C ASP B 119 10.57 -28.98 26.10
N TYR B 120 10.68 -28.48 24.87
CA TYR B 120 9.76 -27.47 24.35
C TYR B 120 8.37 -28.02 24.07
N ASN B 121 8.12 -29.30 24.32
CA ASN B 121 6.80 -29.86 24.13
C ASN B 121 5.86 -29.31 25.19
N LEU B 122 4.86 -28.54 24.76
CA LEU B 122 3.96 -27.88 25.69
C LEU B 122 3.03 -28.90 26.34
N MET B 123 2.65 -28.61 27.58
CA MET B 123 1.86 -29.53 28.38
C MET B 123 1.13 -28.75 29.46
N ASP B 124 0.29 -29.44 30.22
CA ASP B 124 -0.36 -28.83 31.37
C ASP B 124 0.69 -28.33 32.37
N GLY B 125 0.29 -27.34 33.17
CA GLY B 125 1.17 -26.75 34.14
C GLY B 125 2.07 -25.65 33.59
N ASP B 126 2.36 -25.67 32.30
CA ASP B 126 3.13 -24.59 31.69
C ASP B 126 2.31 -23.30 31.67
N LEU B 127 3.01 -22.18 31.67
CA LEU B 127 2.40 -20.86 31.67
C LEU B 127 2.82 -20.09 30.42
N GLY B 128 2.04 -19.09 30.07
CA GLY B 128 2.33 -18.31 28.88
C GLY B 128 1.78 -16.91 28.98
N LEU B 129 2.33 -16.02 28.15
CA LEU B 129 1.92 -14.64 28.08
C LEU B 129 1.33 -14.33 26.70
N ILE B 130 0.22 -13.61 26.69
CA ILE B 130 -0.39 -13.13 25.46
C ILE B 130 -0.34 -11.61 25.46
N SER B 131 0.01 -11.03 24.31
CA SER B 131 0.08 -9.59 24.16
C SER B 131 -0.56 -9.19 22.84
N GLY B 132 -1.39 -8.16 22.88
CA GLY B 132 -2.04 -7.68 21.68
C GLY B 132 -2.90 -6.49 22.00
N TRP B 133 -3.32 -5.79 20.93
CA TRP B 133 -4.26 -4.69 21.03
C TRP B 133 -5.67 -5.12 20.67
N GLY B 134 -6.05 -6.33 21.07
CA GLY B 134 -7.36 -6.85 20.80
C GLY B 134 -8.42 -6.30 21.74
N ARG B 135 -9.58 -6.95 21.71
CA ARG B 135 -10.71 -6.50 22.51
C ARG B 135 -10.56 -6.95 23.95
N THR B 136 -10.67 -6.01 24.88
CA THR B 136 -10.66 -6.32 26.30
C THR B 136 -12.08 -6.40 26.83
N GLU B 137 -12.29 -5.96 28.07
CA GLU B 137 -13.62 -5.93 28.64
C GLU B 137 -14.35 -4.62 28.36
N LYS B 138 -13.62 -3.51 28.28
CA LYS B 138 -14.23 -2.21 28.03
C LYS B 138 -14.59 -2.03 26.56
N ARG B 139 -13.61 -1.63 25.75
CA ARG B 139 -13.81 -1.36 24.35
C ARG B 139 -13.41 -2.56 23.51
N ASP B 140 -13.84 -2.54 22.25
CA ASP B 140 -13.37 -3.55 21.31
C ASP B 140 -11.95 -3.28 20.83
N ARG B 141 -11.42 -2.07 21.08
CA ARG B 141 -10.13 -1.64 20.56
C ARG B 141 -9.26 -1.19 21.72
N ALA B 142 -8.03 -1.70 21.78
CA ALA B 142 -7.08 -1.31 22.81
C ALA B 142 -6.00 -0.43 22.20
N VAL B 143 -5.94 0.83 22.65
CA VAL B 143 -4.98 1.75 22.08
C VAL B 143 -3.58 1.51 22.65
N ARG B 144 -3.48 1.29 23.96
CA ARG B 144 -2.21 0.94 24.58
C ARG B 144 -2.18 -0.55 24.88
N LEU B 145 -0.97 -1.12 24.81
CA LEU B 145 -0.82 -2.56 24.79
C LEU B 145 -1.31 -3.20 26.09
N LYS B 146 -2.01 -4.31 25.95
CA LYS B 146 -2.51 -5.10 27.06
C LYS B 146 -1.87 -6.48 27.04
N ALA B 147 -1.79 -7.11 28.21
CA ALA B 147 -1.15 -8.41 28.32
C ALA B 147 -1.72 -9.15 29.53
N ALA B 148 -1.75 -10.48 29.41
CA ALA B 148 -2.28 -11.34 30.45
C ALA B 148 -1.56 -12.68 30.43
N ARG B 149 -1.46 -13.29 31.60
CA ARG B 149 -0.79 -14.59 31.73
C ARG B 149 -1.81 -15.71 31.61
N LEU B 150 -1.54 -16.66 30.70
CA LEU B 150 -2.43 -17.78 30.43
C LEU B 150 -1.69 -19.10 30.60
N PRO B 151 -2.30 -20.08 31.26
CA PRO B 151 -1.72 -21.42 31.34
C PRO B 151 -2.22 -22.30 30.20
N VAL B 152 -1.40 -23.30 29.88
CA VAL B 152 -1.76 -24.27 28.85
C VAL B 152 -2.82 -25.21 29.42
N ALA B 153 -4.03 -25.11 28.90
CA ALA B 153 -5.16 -25.91 29.35
C ALA B 153 -5.33 -27.14 28.47
N PRO B 154 -5.96 -28.19 28.99
CA PRO B 154 -6.24 -29.37 28.14
C PRO B 154 -7.18 -29.00 27.01
N LEU B 155 -6.98 -29.67 25.87
CA LEU B 155 -7.80 -29.39 24.70
C LEU B 155 -9.26 -29.79 24.91
N ARG B 156 -9.55 -30.60 25.93
CA ARG B 156 -10.94 -30.95 26.22
C ARG B 156 -11.73 -29.73 26.66
N LYS B 157 -11.10 -28.82 27.40
CA LYS B 157 -11.77 -27.60 27.83
C LYS B 157 -11.97 -26.60 26.71
N CYS B 158 -11.31 -26.82 25.56
CA CYS B 158 -11.48 -25.93 24.42
C CYS B 158 -12.76 -26.28 23.65
N LYS B 159 -12.89 -27.53 23.23
CA LYS B 159 -14.10 -27.97 22.48
C LYS B 159 -15.34 -27.51 23.24
N GLU B 160 -15.87 -26.31 22.97
CA GLU B 160 -16.98 -25.81 23.82
C GLU B 160 -18.29 -25.74 23.04
N VAL B 161 -19.35 -25.29 23.72
CA VAL B 161 -20.67 -25.15 23.06
C VAL B 161 -20.70 -23.79 22.36
N LYS B 162 -20.25 -23.75 21.11
CA LYS B 162 -20.28 -22.49 20.34
C LYS B 162 -20.94 -22.75 18.98
N VAL B 163 -21.84 -21.85 18.57
CA VAL B 163 -22.54 -22.01 17.27
C VAL B 163 -21.47 -22.24 16.21
N GLU B 164 -21.58 -23.35 15.48
CA GLU B 164 -20.58 -23.69 14.43
C GLU B 164 -21.31 -23.93 13.11
N LYS B 165 -22.31 -23.09 12.82
CA LYS B 165 -23.05 -23.23 11.54
C LYS B 165 -22.96 -21.90 10.78
N PRO B 166 -21.76 -21.50 10.31
CA PRO B 166 -21.63 -20.26 9.54
C PRO B 166 -22.49 -20.37 8.29
N THR B 167 -22.43 -21.53 7.61
CA THR B 167 -23.25 -21.75 6.39
C THR B 167 -24.03 -23.07 6.40
N ALA B 168 -23.31 -24.18 6.27
CA ALA B 168 -23.96 -25.51 6.37
C ALA B 168 -23.59 -26.09 7.74
N ASP B 169 -24.58 -26.28 8.61
CA ASP B 169 -24.30 -26.78 9.97
C ASP B 169 -23.56 -28.11 9.85
N ALA B 170 -23.70 -28.79 8.71
CA ALA B 170 -23.02 -30.08 8.50
C ALA B 170 -21.52 -29.90 8.72
N GLU B 171 -20.96 -28.77 8.25
CA GLU B 171 -19.52 -28.51 8.48
C GLU B 171 -19.27 -28.40 9.99
N ALA B 172 -18.28 -29.13 10.49
CA ALA B 172 -18.00 -29.11 11.95
C ALA B 172 -16.53 -28.74 12.18
N TYR B 173 -16.27 -27.76 13.03
CA TYR B 173 -14.88 -27.34 13.31
C TYR B 173 -14.09 -28.55 13.81
N VAL B 174 -12.97 -28.86 13.14
CA VAL B 174 -12.14 -29.98 13.57
C VAL B 174 -10.96 -29.46 14.35
N PHE B 175 -10.60 -30.18 15.41
CA PHE B 175 -9.48 -29.84 16.28
C PHE B 175 -8.29 -30.72 15.91
N THR B 176 -7.16 -30.11 15.59
CA THR B 176 -5.98 -30.83 15.19
C THR B 176 -4.91 -30.77 16.28
N PRO B 177 -3.98 -31.72 16.30
CA PRO B 177 -2.88 -31.65 17.29
C PRO B 177 -1.95 -30.47 17.07
N ASN B 178 -2.07 -29.75 15.96
CA ASN B 178 -1.28 -28.55 15.71
C ASN B 178 -1.83 -27.32 16.42
N MET B 179 -2.74 -27.50 17.37
CA MET B 179 -3.36 -26.39 18.08
C MET B 179 -3.16 -26.56 19.59
N ILE B 180 -2.99 -25.45 20.28
CA ILE B 180 -2.76 -25.43 21.72
C ILE B 180 -3.91 -24.69 22.39
N CYS B 181 -4.42 -25.25 23.48
CA CYS B 181 -5.49 -24.65 24.25
C CYS B 181 -4.91 -23.93 25.46
N ALA B 182 -5.50 -22.79 25.80
CA ALA B 182 -5.05 -22.01 26.95
C ALA B 182 -6.19 -21.15 27.44
N GLY B 183 -6.03 -20.60 28.64
CA GLY B 183 -7.02 -19.74 29.25
C GLY B 183 -7.71 -20.40 30.43
N GLY B 184 -8.82 -19.79 30.83
CA GLY B 184 -9.60 -20.30 31.94
C GLY B 184 -9.36 -19.56 33.24
N GLU B 185 -8.08 -19.42 33.60
CA GLU B 185 -7.72 -18.73 34.84
C GLU B 185 -8.16 -17.27 34.79
N LYS B 186 -8.96 -16.86 35.77
CA LYS B 186 -9.46 -15.49 35.88
C LYS B 186 -10.16 -15.03 34.61
N GLY B 187 -10.55 -15.97 33.74
CA GLY B 187 -11.18 -15.63 32.49
C GLY B 187 -10.30 -14.96 31.46
N MET B 188 -9.00 -14.86 31.71
CA MET B 188 -8.11 -14.19 30.79
C MET B 188 -8.01 -14.97 29.48
N ASP B 189 -8.15 -14.27 28.36
CA ASP B 189 -8.12 -14.89 27.04
C ASP B 189 -7.78 -13.84 25.99
N SER B 190 -7.64 -14.32 24.75
CA SER B 190 -7.42 -13.45 23.60
C SER B 190 -8.70 -13.38 22.78
N CYS B 191 -9.04 -12.18 22.32
CA CYS B 191 -10.25 -11.98 21.54
C CYS B 191 -9.93 -11.42 20.16
N LYS B 192 -10.92 -10.76 19.55
CA LYS B 192 -10.73 -10.22 18.21
C LYS B 192 -9.67 -9.14 18.21
N GLY B 193 -8.76 -9.20 17.23
CA GLY B 193 -7.67 -8.27 17.16
C GLY B 193 -6.37 -8.75 17.78
N ASP B 194 -6.28 -10.04 18.08
CA ASP B 194 -5.07 -10.60 18.65
C ASP B 194 -4.41 -11.65 17.76
N ALA B 195 -5.06 -12.03 16.65
CA ALA B 195 -4.51 -13.06 15.77
C ALA B 195 -3.12 -12.68 15.30
N GLY B 196 -2.22 -13.66 15.28
CA GLY B 196 -0.83 -13.43 15.00
C GLY B 196 0.02 -13.11 16.20
N GLY B 197 -0.58 -12.90 17.37
CA GLY B 197 0.19 -12.63 18.56
C GLY B 197 0.91 -13.87 19.05
N ALA B 198 2.12 -13.68 19.57
CA ALA B 198 2.94 -14.80 20.00
C ALA B 198 2.58 -15.21 21.43
N PHE B 199 2.38 -16.51 21.64
CA PHE B 199 2.12 -17.04 22.97
C PHE B 199 3.47 -17.22 23.66
N ALA B 200 3.96 -16.12 24.21
CA ALA B 200 5.32 -16.08 24.77
C ALA B 200 5.44 -17.02 25.95
N VAL B 201 6.36 -17.97 25.85
CA VAL B 201 6.64 -18.94 26.89
C VAL B 201 8.12 -18.91 27.19
N GLN B 202 8.46 -18.93 28.48
CA GLN B 202 9.87 -18.89 28.88
C GLN B 202 10.58 -20.18 28.48
N ASP B 203 11.79 -20.03 27.96
CA ASP B 203 12.56 -21.19 27.51
C ASP B 203 12.92 -22.06 28.71
N PRO B 204 12.66 -23.38 28.65
CA PRO B 204 12.99 -24.24 29.80
C PRO B 204 14.48 -24.41 30.04
N ASN B 205 15.32 -24.19 29.04
CA ASN B 205 16.77 -24.34 29.18
C ASN B 205 17.48 -23.02 29.47
N ASP B 206 17.08 -21.94 28.82
CA ASP B 206 17.62 -20.61 29.05
C ASP B 206 16.49 -19.77 29.65
N LYS B 207 16.34 -19.83 30.97
CA LYS B 207 15.22 -19.23 31.67
C LYS B 207 15.22 -17.71 31.64
N THR B 208 16.12 -17.04 30.90
CA THR B 208 16.09 -15.59 30.79
C THR B 208 15.46 -15.10 29.48
N LYS B 209 15.29 -15.99 28.51
CA LYS B 209 14.73 -15.62 27.21
C LYS B 209 13.28 -16.09 27.11
N PHE B 210 12.68 -15.81 25.95
CA PHE B 210 11.31 -16.23 25.65
C PHE B 210 11.23 -16.70 24.20
N TYR B 211 10.25 -17.55 23.92
CA TYR B 211 10.02 -18.07 22.59
C TYR B 211 8.52 -18.12 22.33
N ALA B 212 8.16 -17.97 21.06
CA ALA B 212 6.76 -17.99 20.63
C ALA B 212 6.31 -19.44 20.53
N ALA B 213 5.52 -19.89 21.52
CA ALA B 213 5.04 -21.26 21.48
C ALA B 213 3.75 -21.39 20.68
N GLY B 214 2.97 -20.31 20.60
CA GLY B 214 1.71 -20.35 19.88
C GLY B 214 1.39 -19.00 19.29
N LEU B 215 0.55 -19.03 18.25
CA LEU B 215 0.03 -17.83 17.62
C LEU B 215 -1.47 -17.80 17.78
N VAL B 216 -2.01 -16.64 18.17
CA VAL B 216 -3.44 -16.51 18.39
C VAL B 216 -4.17 -16.84 17.10
N SER B 217 -4.93 -17.94 17.09
CA SER B 217 -5.63 -18.37 15.90
C SER B 217 -7.11 -18.19 16.14
N TRP B 218 -7.86 -19.21 16.52
CA TRP B 218 -9.30 -19.12 16.62
C TRP B 218 -9.81 -19.61 17.96
N GLY B 219 -11.13 -19.76 18.08
CA GLY B 219 -11.73 -20.19 19.32
C GLY B 219 -13.21 -19.89 19.36
N PRO B 220 -13.89 -20.34 20.42
CA PRO B 220 -15.34 -20.14 20.52
C PRO B 220 -15.70 -18.74 21.01
N GLN B 221 -16.45 -18.68 22.10
CA GLN B 221 -16.79 -17.41 22.74
C GLN B 221 -15.57 -16.90 23.49
N CYS B 222 -15.08 -15.72 23.11
CA CYS B 222 -13.83 -15.21 23.67
C CYS B 222 -14.02 -14.84 25.14
N GLY B 223 -12.95 -14.99 25.91
CA GLY B 223 -13.00 -14.92 27.35
C GLY B 223 -13.10 -16.27 28.01
N THR B 224 -13.50 -17.31 27.27
CA THR B 224 -13.55 -18.67 27.77
C THR B 224 -12.22 -19.37 27.50
N TYR B 225 -12.15 -20.04 26.34
CA TYR B 225 -10.91 -20.74 25.93
C TYR B 225 -10.66 -20.45 24.46
N GLY B 226 -9.74 -21.17 23.83
CA GLY B 226 -9.50 -20.98 22.39
C GLY B 226 -8.35 -21.81 21.87
N LEU B 227 -7.79 -21.42 20.71
CA LEU B 227 -6.74 -22.28 20.09
C LEU B 227 -5.57 -21.45 19.55
N TYR B 228 -4.35 -21.79 19.94
CA TYR B 228 -3.13 -21.13 19.45
C TYR B 228 -2.35 -22.11 18.59
N THR B 229 -1.83 -21.63 17.47
CA THR B 229 -1.11 -22.48 16.53
C THR B 229 0.18 -23.00 17.15
N ARG B 230 0.28 -24.31 17.32
CA ARG B 230 1.47 -24.94 17.88
C ARG B 230 2.67 -24.68 16.98
N VAL B 231 3.60 -23.83 17.43
CA VAL B 231 4.73 -23.45 16.58
C VAL B 231 5.78 -24.55 16.54
N LYS B 232 5.87 -25.38 17.58
CA LYS B 232 6.87 -26.44 17.62
C LYS B 232 6.72 -27.40 16.45
N ASN B 233 5.48 -27.64 15.98
CA ASN B 233 5.27 -28.53 14.85
C ASN B 233 5.64 -27.91 13.51
N TYR B 234 5.85 -26.59 13.45
CA TYR B 234 6.19 -25.93 12.19
C TYR B 234 7.60 -25.35 12.20
N VAL B 235 8.48 -25.83 13.08
CA VAL B 235 9.85 -25.32 13.13
C VAL B 235 10.61 -25.72 11.87
N ASP B 236 10.33 -26.92 11.35
CA ASP B 236 11.01 -27.36 10.13
C ASP B 236 10.56 -26.54 8.92
N TRP B 237 9.33 -26.03 8.92
CA TRP B 237 8.86 -25.26 7.78
C TRP B 237 9.31 -23.81 7.84
N ILE B 238 9.49 -23.26 9.03
CA ILE B 238 9.99 -21.89 9.14
C ILE B 238 11.46 -21.82 8.73
N MET B 239 12.25 -22.82 9.11
CA MET B 239 13.66 -22.82 8.74
C MET B 239 13.85 -23.09 7.26
N LYS B 240 13.06 -24.02 6.70
CA LYS B 240 13.15 -24.35 5.28
C LYS B 240 12.68 -23.19 4.40
N THR B 241 11.94 -22.23 4.98
CA THR B 241 11.45 -21.07 4.25
C THR B 241 12.41 -19.89 4.33
N MET B 242 12.98 -19.64 5.51
CA MET B 242 13.91 -18.51 5.64
C MET B 242 15.22 -18.74 4.90
N GLN B 243 15.61 -20.00 4.70
CA GLN B 243 16.87 -20.32 4.05
C GLN B 243 16.74 -20.40 2.54
N GLU B 244 15.63 -20.93 2.04
CA GLU B 244 15.41 -20.96 0.59
C GLU B 244 15.27 -19.55 0.04
N ASN B 245 14.35 -18.77 0.60
CA ASN B 245 14.21 -17.36 0.22
C ASN B 245 15.29 -16.55 0.95
N SER B 246 16.53 -16.80 0.53
CA SER B 246 17.68 -16.14 1.12
C SER B 246 17.62 -14.64 0.84
N THR B 247 18.59 -13.91 1.37
CA THR B 247 18.70 -12.48 1.17
C THR B 247 19.92 -12.18 0.29
N PRO B 248 19.78 -12.30 -1.05
CA PRO B 248 20.92 -12.11 -1.94
C PRO B 248 21.08 -10.66 -2.40
N THR C 3 86.14 -2.98 -24.05
CA THR C 3 85.98 -2.06 -22.92
C THR C 3 85.62 -2.82 -21.65
N GLY C 4 85.84 -2.18 -20.50
CA GLY C 4 85.58 -2.81 -19.22
C GLY C 4 84.13 -2.71 -18.79
N SER C 5 83.38 -3.80 -18.92
CA SER C 5 82.01 -3.85 -18.46
C SER C 5 81.97 -3.70 -16.95
N MET C 6 81.60 -2.51 -16.47
CA MET C 6 81.64 -2.21 -15.04
C MET C 6 80.60 -3.05 -14.30
N PRO C 7 81.00 -3.86 -13.33
CA PRO C 7 80.03 -4.69 -12.62
C PRO C 7 79.21 -3.88 -11.64
N CYS C 8 77.96 -4.33 -11.44
CA CYS C 8 77.07 -3.71 -10.47
C CYS C 8 77.10 -4.50 -9.18
N PRO C 9 77.35 -3.87 -8.04
CA PRO C 9 77.32 -4.59 -6.77
C PRO C 9 75.89 -4.99 -6.41
N LYS C 10 75.80 -5.91 -5.45
CA LYS C 10 74.51 -6.42 -5.00
C LYS C 10 73.83 -5.35 -4.15
N GLU C 11 72.68 -5.68 -3.57
CA GLU C 11 71.92 -4.73 -2.77
C GLU C 11 71.42 -5.41 -1.51
N ASP C 12 71.48 -4.68 -0.39
CA ASP C 12 70.82 -5.12 0.82
C ASP C 12 69.34 -5.28 0.55
N THR C 13 68.88 -6.52 0.38
CA THR C 13 67.51 -6.79 0.00
C THR C 13 66.79 -7.50 1.15
N PRO C 14 66.31 -6.75 2.15
CA PRO C 14 65.64 -7.39 3.29
C PRO C 14 64.21 -7.79 2.99
N ASN C 15 63.55 -7.03 2.12
CA ASN C 15 62.18 -7.29 1.73
C ASN C 15 62.07 -7.80 0.29
N SER C 16 63.18 -8.17 -0.32
CA SER C 16 63.17 -8.61 -1.70
C SER C 16 64.24 -9.68 -1.92
N VAL C 17 64.10 -10.40 -3.03
CA VAL C 17 65.00 -11.49 -3.40
C VAL C 17 65.33 -11.35 -4.88
N TRP C 18 66.62 -11.47 -5.23
CA TRP C 18 67.02 -11.34 -6.66
C TRP C 18 66.89 -12.70 -7.35
N GLU C 19 66.02 -12.81 -8.36
CA GLU C 19 65.77 -14.11 -9.03
C GLU C 19 67.02 -14.58 -9.78
N PRO C 20 67.64 -13.78 -10.69
CA PRO C 20 68.88 -14.19 -11.35
C PRO C 20 69.97 -14.38 -10.28
N ALA C 21 70.04 -13.46 -9.33
CA ALA C 21 71.00 -13.59 -8.20
C ALA C 21 72.43 -13.86 -8.73
N LYS C 22 73.00 -15.01 -8.39
CA LYS C 22 74.42 -15.30 -8.72
C LYS C 22 75.29 -14.22 -8.09
N ALA C 23 76.27 -13.71 -8.83
CA ALA C 23 77.16 -12.65 -8.30
C ALA C 23 77.85 -11.93 -9.46
N LYS C 24 78.62 -10.88 -9.17
CA LYS C 24 79.37 -10.15 -10.23
C LYS C 24 78.42 -9.84 -11.39
N TYR C 25 77.34 -9.10 -11.12
CA TYR C 25 76.34 -8.79 -12.18
C TYR C 25 77.00 -7.93 -13.26
N VAL C 26 76.93 -8.36 -14.52
CA VAL C 26 77.60 -7.63 -15.63
C VAL C 26 76.65 -6.59 -16.21
N PHE C 27 77.14 -5.70 -17.07
CA PHE C 27 76.28 -4.67 -17.73
C PHE C 27 75.25 -5.38 -18.62
N ARG C 28 74.06 -4.79 -18.77
CA ARG C 28 72.97 -5.40 -19.59
C ARG C 28 72.51 -6.70 -18.95
N ASP C 29 72.46 -6.75 -17.62
CA ASP C 29 71.95 -7.96 -16.91
C ASP C 29 70.70 -7.57 -16.10
N VAL C 30 69.53 -8.02 -16.52
CA VAL C 30 68.27 -7.64 -15.82
C VAL C 30 68.07 -8.57 -14.63
N VAL C 31 67.48 -8.08 -13.54
CA VAL C 31 67.20 -8.94 -12.36
C VAL C 31 65.74 -8.76 -11.95
N GLN C 32 65.11 -9.82 -11.43
CA GLN C 32 63.71 -9.72 -10.94
C GLN C 32 63.74 -9.52 -9.42
N ILE C 33 63.52 -8.28 -8.97
CA ILE C 33 63.48 -8.00 -7.51
C ILE C 33 62.05 -8.26 -7.04
N THR C 34 61.83 -9.37 -6.33
CA THR C 34 60.48 -9.74 -5.92
C THR C 34 60.32 -9.52 -4.42
N CYS C 35 59.25 -8.84 -4.04
CA CYS C 35 58.97 -8.59 -2.63
C CYS C 35 58.41 -9.84 -1.96
N LEU C 36 58.62 -9.93 -0.65
CA LEU C 36 58.19 -11.08 0.13
C LEU C 36 56.69 -11.02 0.39
N ASP C 37 56.16 -12.08 1.00
CA ASP C 37 54.76 -12.08 1.43
C ASP C 37 54.56 -11.00 2.49
N GLY C 38 53.55 -10.17 2.28
CA GLY C 38 53.32 -9.04 3.15
C GLY C 38 53.97 -7.75 2.70
N PHE C 39 54.62 -7.76 1.53
CA PHE C 39 55.24 -6.57 0.97
C PHE C 39 54.86 -6.43 -0.50
N GLU C 40 54.99 -5.21 -1.01
CA GLU C 40 54.72 -4.93 -2.40
C GLU C 40 55.55 -3.73 -2.83
N VAL C 41 55.94 -3.72 -4.10
CA VAL C 41 56.62 -2.58 -4.69
C VAL C 41 55.57 -1.72 -5.39
N VAL C 42 55.43 -0.48 -4.94
CA VAL C 42 54.47 0.45 -5.53
C VAL C 42 55.20 1.15 -6.69
N GLU C 43 54.92 0.70 -7.91
CA GLU C 43 55.57 1.27 -9.09
C GLU C 43 54.94 2.62 -9.41
N GLY C 44 54.66 3.40 -8.37
CA GLY C 44 53.99 4.67 -8.50
C GLY C 44 52.48 4.59 -8.56
N ARG C 45 51.92 3.39 -8.66
CA ARG C 45 50.49 3.24 -8.87
C ARG C 45 49.94 2.04 -8.11
N VAL C 46 49.76 0.92 -8.81
CA VAL C 46 49.22 -0.30 -8.23
C VAL C 46 50.37 -1.11 -7.65
N GLY C 47 50.15 -1.70 -6.48
CA GLY C 47 51.16 -2.52 -5.85
C GLY C 47 51.28 -3.87 -6.51
N ALA C 48 52.34 -4.05 -7.30
CA ALA C 48 52.68 -5.34 -7.86
C ALA C 48 53.62 -6.09 -6.94
N THR C 49 53.68 -7.41 -7.11
CA THR C 49 54.49 -8.23 -6.22
C THR C 49 55.98 -8.20 -6.56
N SER C 50 56.35 -7.73 -7.74
CA SER C 50 57.76 -7.70 -8.13
C SER C 50 57.97 -6.63 -9.20
N PHE C 51 59.25 -6.33 -9.44
CA PHE C 51 59.67 -5.43 -10.50
C PHE C 51 61.01 -5.92 -11.04
N TYR C 52 61.58 -5.19 -11.98
CA TYR C 52 62.82 -5.58 -12.64
C TYR C 52 63.82 -4.43 -12.58
N SER C 53 65.10 -4.79 -12.60
CA SER C 53 66.19 -3.82 -12.58
C SER C 53 67.32 -4.32 -13.46
N THR C 54 67.91 -3.41 -14.23
CA THR C 54 68.98 -3.72 -15.17
C THR C 54 70.28 -3.06 -14.74
N CYS C 55 71.37 -3.81 -14.73
CA CYS C 55 72.68 -3.27 -14.44
C CYS C 55 73.16 -2.42 -15.62
N GLN C 56 73.11 -1.10 -15.45
CA GLN C 56 73.43 -0.18 -16.54
C GLN C 56 74.94 0.01 -16.65
N SER C 57 75.34 0.81 -17.64
CA SER C 57 76.77 0.99 -17.94
C SER C 57 77.51 1.77 -16.87
N ASN C 58 76.81 2.49 -16.00
CA ASN C 58 77.48 3.25 -14.95
C ASN C 58 78.07 2.32 -13.89
N GLY C 59 77.31 1.31 -13.48
CA GLY C 59 77.69 0.47 -12.35
C GLY C 59 76.66 0.45 -11.23
N LYS C 60 75.56 1.17 -11.36
CA LYS C 60 74.45 1.10 -10.41
C LYS C 60 73.24 0.48 -11.10
N TRP C 61 72.23 0.16 -10.30
CA TRP C 61 71.04 -0.51 -10.81
C TRP C 61 69.96 0.49 -11.21
N SER C 62 69.35 0.24 -12.35
CA SER C 62 68.16 0.99 -12.73
C SER C 62 67.01 0.64 -11.79
N ASN C 63 65.97 1.48 -11.83
CA ASN C 63 64.80 1.30 -10.96
C ASN C 63 65.21 1.24 -9.49
N SER C 64 66.28 1.96 -9.13
CA SER C 64 66.67 2.06 -7.73
C SER C 64 65.65 2.85 -6.92
N LYS C 65 64.79 3.63 -7.57
CA LYS C 65 63.74 4.36 -6.89
C LYS C 65 62.60 3.47 -6.41
N LEU C 66 62.64 2.19 -6.73
CA LEU C 66 61.63 1.23 -6.29
C LEU C 66 62.16 0.45 -5.09
N LYS C 67 61.41 0.48 -4.00
CA LYS C 67 61.77 -0.24 -2.78
C LYS C 67 60.54 -0.99 -2.27
N CYS C 68 60.72 -2.28 -1.97
CA CYS C 68 59.65 -3.05 -1.38
C CYS C 68 59.27 -2.47 -0.02
N GLN C 69 58.05 -1.98 0.08
CA GLN C 69 57.53 -1.38 1.30
C GLN C 69 56.41 -2.23 1.89
N PRO C 70 56.12 -2.08 3.18
CA PRO C 70 55.06 -2.89 3.79
C PRO C 70 53.70 -2.66 3.14
N VAL C 71 52.96 -3.75 2.96
CA VAL C 71 51.63 -3.66 2.36
C VAL C 71 50.67 -3.01 3.34
N ASP C 72 49.92 -2.02 2.86
CA ASP C 72 48.94 -1.30 3.66
C ASP C 72 47.56 -1.92 3.41
N CYS C 73 46.90 -2.36 4.48
CA CYS C 73 45.55 -2.87 4.36
C CYS C 73 44.50 -1.78 4.33
N GLY C 74 44.84 -0.58 4.81
CA GLY C 74 43.91 0.52 4.85
C GLY C 74 43.05 0.52 6.11
N ILE C 75 42.37 1.64 6.32
CA ILE C 75 41.47 1.74 7.48
C ILE C 75 40.35 0.73 7.32
N PRO C 76 40.04 -0.07 8.34
CA PRO C 76 39.06 -1.13 8.17
C PRO C 76 37.66 -0.60 7.97
N GLU C 77 36.91 -1.24 7.09
CA GLU C 77 35.53 -0.82 6.83
C GLU C 77 34.62 -1.33 7.95
N SER C 78 33.72 -0.47 8.40
CA SER C 78 32.80 -0.83 9.46
C SER C 78 31.75 -1.82 8.95
N ILE C 79 31.03 -2.42 9.89
CA ILE C 79 30.02 -3.41 9.59
C ILE C 79 28.69 -2.95 10.17
N GLU C 80 27.60 -3.55 9.69
CA GLU C 80 26.28 -3.17 10.14
C GLU C 80 26.07 -3.57 11.61
N ASN C 81 25.56 -2.63 12.40
CA ASN C 81 25.37 -2.81 13.85
C ASN C 81 26.68 -3.22 14.53
N GLY C 82 27.81 -2.74 14.01
CA GLY C 82 29.12 -3.09 14.53
C GLY C 82 30.03 -1.89 14.60
N LYS C 83 31.25 -2.14 15.07
CA LYS C 83 32.26 -1.10 15.22
C LYS C 83 33.63 -1.76 15.31
N VAL C 84 34.65 -1.01 14.94
CA VAL C 84 36.03 -1.51 14.96
C VAL C 84 36.94 -0.39 15.47
N GLU C 85 37.87 -0.74 16.35
CA GLU C 85 38.79 0.23 16.89
C GLU C 85 39.91 0.52 15.88
N ASP C 86 40.17 1.80 15.65
CA ASP C 86 41.27 2.20 14.76
C ASP C 86 42.60 1.80 15.37
N PRO C 87 43.38 0.93 14.72
CA PRO C 87 44.69 0.55 15.28
C PRO C 87 45.72 1.66 15.09
N GLU C 88 46.94 1.42 15.54
CA GLU C 88 47.99 2.41 15.34
C GLU C 88 48.47 2.43 13.90
N SER C 89 48.56 1.26 13.28
CA SER C 89 48.97 1.13 11.89
C SER C 89 48.02 0.19 11.16
N THR C 90 47.82 0.47 9.87
CA THR C 90 47.04 -0.40 9.00
C THR C 90 47.93 -1.24 8.09
N LEU C 91 49.20 -1.40 8.45
CA LEU C 91 50.15 -2.14 7.64
C LEU C 91 50.01 -3.64 7.86
N PHE C 92 50.86 -4.41 7.18
CA PHE C 92 50.83 -5.86 7.28
C PHE C 92 51.16 -6.31 8.69
N GLY C 93 50.50 -7.39 9.13
CA GLY C 93 50.69 -7.91 10.46
C GLY C 93 49.89 -7.22 11.55
N SER C 94 49.41 -5.99 11.31
CA SER C 94 48.59 -5.32 12.29
C SER C 94 47.26 -6.02 12.44
N VAL C 95 46.75 -6.06 13.67
CA VAL C 95 45.53 -6.78 14.01
C VAL C 95 44.51 -5.80 14.55
N ILE C 96 43.25 -5.98 14.15
CA ILE C 96 42.15 -5.14 14.60
C ILE C 96 41.14 -6.00 15.36
N ARG C 97 39.94 -5.47 15.60
CA ARG C 97 38.93 -6.20 16.35
C ARG C 97 37.55 -5.63 16.07
N TYR C 98 36.60 -6.50 15.74
CA TYR C 98 35.21 -6.14 15.52
C TYR C 98 34.35 -6.60 16.68
N THR C 99 33.38 -5.77 17.05
CA THR C 99 32.42 -6.14 18.13
C THR C 99 31.01 -5.81 17.65
N CYS C 100 29.99 -6.31 18.34
CA CYS C 100 28.59 -5.94 18.00
C CYS C 100 27.98 -4.97 18.99
N GLU C 101 26.65 -4.86 19.00
CA GLU C 101 25.98 -4.01 20.03
C GLU C 101 25.94 -4.81 21.34
N GLU C 102 25.55 -4.20 22.46
CA GLU C 102 25.62 -4.93 23.75
C GLU C 102 24.45 -5.93 23.88
N PRO C 103 23.19 -5.55 24.20
CA PRO C 103 22.12 -6.53 24.43
C PRO C 103 21.20 -6.84 23.23
N TYR C 104 21.43 -6.22 22.07
CA TYR C 104 20.50 -6.43 20.93
C TYR C 104 21.24 -7.05 19.74
N TYR C 105 22.55 -7.25 19.83
CA TYR C 105 23.33 -7.91 18.74
C TYR C 105 24.42 -8.78 19.36
N TYR C 106 24.82 -9.87 18.70
CA TYR C 106 25.79 -10.82 19.32
C TYR C 106 26.66 -11.49 18.26
N MET C 107 26.60 -11.03 17.00
CA MET C 107 27.38 -11.64 15.90
C MET C 107 26.91 -13.08 15.65
N GLU C 108 27.81 -13.95 15.21
CA GLU C 108 27.46 -15.36 14.91
C GLU C 108 28.34 -16.29 15.74
N ASN C 109 29.64 -16.33 15.44
CA ASN C 109 30.55 -17.27 16.16
C ASN C 109 29.90 -18.64 16.25
N GLY C 111 34.72 -17.92 16.98
CA GLY C 111 34.13 -17.45 15.72
C GLY C 111 34.94 -16.31 15.13
N GLY C 112 34.52 -15.07 15.38
CA GLY C 112 35.26 -13.90 14.86
C GLY C 112 36.42 -13.55 15.77
N GLY C 113 37.51 -14.32 15.70
CA GLY C 113 38.66 -14.09 16.59
C GLY C 113 39.56 -12.97 16.09
N GLU C 114 38.98 -11.79 15.80
CA GLU C 114 39.79 -10.62 15.38
C GLU C 114 40.33 -10.83 13.96
N TYR C 115 40.73 -9.75 13.29
CA TYR C 115 41.22 -9.87 11.89
C TYR C 115 42.65 -9.33 11.79
N HIS C 116 43.50 -10.00 11.02
CA HIS C 116 44.91 -9.56 10.89
C HIS C 116 45.21 -9.20 9.43
N CYS C 117 45.90 -8.08 9.22
CA CYS C 117 46.27 -7.69 7.86
C CYS C 117 47.15 -8.76 7.23
N ALA C 118 46.74 -9.25 6.06
CA ALA C 118 47.43 -10.35 5.39
C ALA C 118 48.38 -9.82 4.32
N GLY C 119 49.09 -10.76 3.67
CA GLY C 119 50.06 -10.37 2.68
C GLY C 119 49.45 -9.89 1.37
N ASN C 120 48.26 -10.38 1.03
CA ASN C 120 47.60 -9.95 -0.19
C ASN C 120 47.06 -8.53 -0.10
N GLY C 121 46.95 -7.97 1.11
CA GLY C 121 46.46 -6.62 1.29
C GLY C 121 45.08 -6.53 1.90
N SER C 122 44.49 -7.64 2.32
CA SER C 122 43.14 -7.67 2.85
C SER C 122 43.16 -8.05 4.33
N TRP C 123 42.15 -7.59 5.05
CA TRP C 123 41.95 -7.98 6.43
C TRP C 123 41.30 -9.36 6.46
N VAL C 124 41.88 -10.29 7.22
CA VAL C 124 41.41 -11.66 7.24
C VAL C 124 41.34 -12.17 8.68
N ASN C 125 40.41 -13.09 8.92
CA ASN C 125 40.27 -13.81 10.16
C ASN C 125 40.69 -15.26 9.95
N GLU C 126 40.96 -15.97 11.05
CA GLU C 126 41.50 -17.33 10.95
C GLU C 126 40.59 -18.25 10.15
N VAL C 127 39.26 -18.08 10.30
CA VAL C 127 38.30 -18.95 9.64
C VAL C 127 37.36 -18.18 8.73
N LEU C 128 36.91 -17.00 9.17
CA LEU C 128 35.99 -16.20 8.36
C LEU C 128 36.66 -15.60 7.13
N GLY C 129 37.98 -15.60 7.07
CA GLY C 129 38.71 -15.08 5.92
C GLY C 129 38.42 -13.62 5.67
N PRO C 130 38.19 -13.27 4.40
CA PRO C 130 37.89 -11.88 4.06
C PRO C 130 36.45 -11.46 4.33
N GLU C 131 35.65 -12.29 4.98
CA GLU C 131 34.24 -12.00 5.21
C GLU C 131 34.09 -11.27 6.53
N LEU C 132 33.46 -10.09 6.49
CA LEU C 132 33.21 -9.34 7.70
C LEU C 132 32.18 -10.06 8.56
N PRO C 133 32.25 -9.90 9.89
CA PRO C 133 31.22 -10.49 10.74
C PRO C 133 29.92 -9.72 10.62
N LYS C 134 28.82 -10.40 10.95
CA LYS C 134 27.48 -9.83 10.90
C LYS C 134 26.87 -9.84 12.29
N CYS C 135 26.19 -8.76 12.63
CA CYS C 135 25.53 -8.60 13.93
C CYS C 135 24.03 -8.81 13.72
N VAL C 136 23.54 -10.00 14.06
CA VAL C 136 22.12 -10.32 13.99
C VAL C 136 21.54 -10.17 15.40
N PRO C 137 20.25 -9.88 15.54
CA PRO C 137 19.71 -9.50 16.86
C PRO C 137 19.79 -10.64 17.88
N VAL C 138 20.11 -10.27 19.11
CA VAL C 138 19.97 -11.20 20.23
C VAL C 138 18.47 -11.40 20.47
N CYS C 139 17.98 -12.60 20.18
CA CYS C 139 16.55 -12.84 20.15
C CYS C 139 16.01 -12.81 21.58
N GLY C 140 14.68 -12.88 21.69
CA GLY C 140 14.00 -12.99 22.96
C GLY C 140 14.54 -12.29 24.19
N VAL C 141 14.77 -10.99 24.10
CA VAL C 141 15.25 -10.19 25.21
C VAL C 141 14.19 -9.15 25.55
N PRO C 142 13.33 -9.42 26.54
CA PRO C 142 12.37 -8.40 27.00
C PRO C 142 13.11 -7.26 27.70
N ARG C 143 13.01 -6.07 27.12
CA ARG C 143 13.72 -4.92 27.67
C ARG C 143 13.25 -4.60 29.09
N GLU C 144 11.94 -4.59 29.30
CA GLU C 144 11.37 -4.34 30.61
C GLU C 144 10.55 -5.55 31.04
N PRO C 145 10.82 -6.15 32.19
CA PRO C 145 10.03 -7.31 32.64
C PRO C 145 8.57 -6.92 32.82
N PHE C 146 7.68 -7.84 32.50
CA PHE C 146 6.25 -7.59 32.54
C PHE C 146 5.69 -8.06 33.89
N GLU C 147 5.14 -7.12 34.66
CA GLU C 147 4.48 -7.42 35.93
C GLU C 147 2.98 -7.53 35.70
N GLU C 148 2.43 -8.72 35.95
CA GLU C 148 0.99 -8.95 35.86
C GLU C 148 0.30 -8.23 37.02
N LYS C 149 -0.31 -7.08 36.72
CA LYS C 149 -0.98 -6.29 37.77
C LYS C 149 -2.21 -7.06 38.27
N GLN C 150 -2.16 -7.56 39.51
CA GLN C 150 -3.29 -8.36 40.07
C GLN C 150 -3.38 -8.11 41.57
#